data_5G0U
#
_entry.id   5G0U
#
_cell.length_a   65.467
_cell.length_b   114.117
_cell.length_c   68.482
_cell.angle_alpha   90.00
_cell.angle_beta   97.62
_cell.angle_gamma   90.00
#
_symmetry.space_group_name_H-M   'P 1 21 1'
#
loop_
_entity.id
_entity.type
_entity.pdbx_description
1 polymer 'ENOYL-[ACYL-CARRIER-PROTEIN] REDUCTASE [NADH]'
2 non-polymer NICOTINAMIDE-ADENINE-DINUCLEOTIDE
3 non-polymer 5-[(4-fluoranyl-3-phenoxy-phenyl)methylamino]-~{N}-methyl-6-[(1-pyridin-2-ylpiperidin-4-yl)amino]pyridine-3-carboxamide
4 water water
#
_entity_poly.entity_id   1
_entity_poly.type   'polypeptide(L)'
_entity_poly.pdbx_seq_one_letter_code
;MTGLLDGKRILVSGIITDSSIAFHIARVAQEQGAQLVLTGFDRLRLIQRITDRLPAKAPLLELDVQNEEHLASLAGRVTE
AIGAGNKLDGVVHSIGFMPQTGMGINPFFDAPYADVSKGIHISAYSYASMAKALLPIMNPGGSIVGMDFDPSRAMPAYNW
MTVAKSALESVNRFVAREAGKYGVRSNLVAAGPIRTLAMSAIVGGALGEEAGAQIQLLEEGWDQRAPIGWNMKDATPVAK
TVCALLSDWLPATTGDIIYADGGAHTQLL
;
_entity_poly.pdbx_strand_id   A,B,C,D
#
loop_
_chem_comp.id
_chem_comp.type
_chem_comp.name
_chem_comp.formula
9CV non-polymer 5-[(4-fluoranyl-3-phenoxy-phenyl)methylamino]-~{N}-methyl-6-[(1-pyridin-2-ylpiperidin-4-yl)amino]pyridine-3-carboxamide 'C30 H31 F N6 O2'
NAD non-polymer NICOTINAMIDE-ADENINE-DINUCLEOTIDE 'C21 H27 N7 O14 P2'
#
# COMPACT_ATOMS: atom_id res chain seq x y z
N THR A 2 -7.63 24.95 29.05
CA THR A 2 -7.06 23.61 29.15
C THR A 2 -6.47 23.16 27.81
N GLY A 3 -5.16 23.04 27.78
CA GLY A 3 -4.43 22.61 26.59
C GLY A 3 -4.50 21.12 26.37
N LEU A 4 -4.34 20.74 25.10
CA LEU A 4 -4.34 19.34 24.63
C LEU A 4 -3.35 18.45 25.38
N LEU A 5 -2.21 19.02 25.80
CA LEU A 5 -1.14 18.25 26.47
C LEU A 5 -0.87 18.73 27.90
N ASP A 6 -1.91 19.24 28.59
CA ASP A 6 -1.82 19.73 29.96
C ASP A 6 -1.18 18.74 30.91
N GLY A 7 -0.11 19.17 31.55
CA GLY A 7 0.67 18.38 32.51
C GLY A 7 1.54 17.28 31.95
N LYS A 8 1.57 17.08 30.61
CA LYS A 8 2.41 16.05 30.00
C LYS A 8 3.88 16.46 29.96
N ARG A 9 4.79 15.51 30.23
CA ARG A 9 6.24 15.76 30.19
C ARG A 9 6.75 15.18 28.87
N ILE A 10 7.24 16.04 27.97
CA ILE A 10 7.62 15.58 26.63
C ILE A 10 9.05 15.99 26.24
N LEU A 11 9.81 15.02 25.72
CA LEU A 11 11.16 15.27 25.21
C LEU A 11 11.04 15.57 23.71
N VAL A 12 11.66 16.68 23.26
CA VAL A 12 11.65 17.07 21.85
C VAL A 12 13.09 17.22 21.36
N SER A 13 13.47 16.37 20.39
CA SER A 13 14.81 16.42 19.77
C SER A 13 14.69 17.12 18.39
N GLY A 14 15.81 17.56 17.84
CA GLY A 14 15.84 18.05 16.46
C GLY A 14 15.76 19.54 16.17
N ILE A 15 15.79 20.37 17.22
CA ILE A 15 15.82 21.83 16.98
C ILE A 15 17.25 22.22 16.60
N ILE A 16 17.40 22.87 15.42
CA ILE A 16 18.66 23.49 14.99
C ILE A 16 18.43 24.99 14.68
N THR A 17 17.34 25.31 13.97
CA THR A 17 16.97 26.70 13.65
C THR A 17 15.49 26.90 14.03
N ASP A 18 14.97 28.15 13.95
CA ASP A 18 13.56 28.42 14.23
C ASP A 18 12.66 27.97 13.08
N SER A 19 13.26 27.46 11.97
CA SER A 19 12.50 26.89 10.84
C SER A 19 12.38 25.37 11.01
N SER A 20 13.17 24.75 11.92
CA SER A 20 13.16 23.28 12.17
C SER A 20 11.73 22.85 12.53
N ILE A 21 11.30 21.69 12.01
CA ILE A 21 9.99 21.16 12.32
C ILE A 21 9.87 20.98 13.85
N ALA A 22 10.96 20.57 14.53
CA ALA A 22 11.00 20.38 15.99
C ALA A 22 10.74 21.67 16.75
N PHE A 23 11.17 22.83 16.20
CA PHE A 23 10.91 24.13 16.83
C PHE A 23 9.39 24.37 16.91
N HIS A 24 8.68 24.11 15.80
CA HIS A 24 7.24 24.27 15.71
C HIS A 24 6.50 23.24 16.56
N ILE A 25 7.01 21.99 16.64
CA ILE A 25 6.41 20.93 17.49
C ILE A 25 6.54 21.41 18.96
N ALA A 26 7.76 21.85 19.37
CA ALA A 26 8.02 22.37 20.72
C ALA A 26 7.10 23.54 21.07
N ARG A 27 6.99 24.52 20.14
CA ARG A 27 6.13 25.71 20.32
C ARG A 27 4.65 25.34 20.55
N VAL A 28 4.08 24.48 19.67
CA VAL A 28 2.68 24.07 19.78
C VAL A 28 2.45 23.27 21.07
N ALA A 29 3.38 22.36 21.43
CA ALA A 29 3.28 21.55 22.65
C ALA A 29 3.23 22.44 23.92
N GLN A 30 4.08 23.50 23.97
CA GLN A 30 4.09 24.44 25.10
C GLN A 30 2.80 25.26 25.16
N GLU A 31 2.28 25.67 23.98
CA GLU A 31 1.01 26.42 23.87
C GLU A 31 -0.12 25.54 24.43
N GLN A 32 0.03 24.21 24.30
CA GLN A 32 -0.95 23.23 24.75
C GLN A 32 -0.70 22.66 26.16
N GLY A 33 0.15 23.33 26.94
CA GLY A 33 0.40 23.00 28.34
C GLY A 33 1.45 21.95 28.67
N ALA A 34 2.20 21.47 27.66
CA ALA A 34 3.24 20.47 27.93
C ALA A 34 4.48 21.07 28.59
N GLN A 35 5.15 20.27 29.44
CA GLN A 35 6.41 20.62 30.09
C GLN A 35 7.49 19.91 29.28
N LEU A 36 8.36 20.67 28.59
CA LEU A 36 9.36 20.08 27.71
C LEU A 36 10.76 19.92 28.27
N VAL A 37 11.50 18.99 27.66
CA VAL A 37 12.93 18.69 27.81
C VAL A 37 13.39 18.65 26.37
N LEU A 38 14.36 19.49 26.01
CA LEU A 38 14.82 19.52 24.63
C LEU A 38 16.21 18.90 24.48
N THR A 39 16.48 18.23 23.35
CA THR A 39 17.83 17.74 23.08
C THR A 39 18.33 18.39 21.80
N GLY A 40 19.62 18.73 21.79
CA GLY A 40 20.30 19.34 20.66
C GLY A 40 21.59 18.64 20.30
N PHE A 41 22.01 18.81 19.04
CA PHE A 41 23.25 18.24 18.53
C PHE A 41 24.31 19.30 18.18
N ASP A 42 25.54 19.06 18.66
CA ASP A 42 26.77 19.79 18.36
C ASP A 42 26.79 21.26 18.85
N ARG A 43 26.22 22.22 18.07
CA ARG A 43 26.24 23.66 18.40
C ARG A 43 25.16 24.05 19.43
N LEU A 44 25.32 23.56 20.67
CA LEU A 44 24.38 23.75 21.79
C LEU A 44 24.15 25.20 22.19
N ARG A 45 25.21 26.03 22.17
CA ARG A 45 25.07 27.44 22.54
C ARG A 45 24.20 28.16 21.52
N LEU A 46 24.41 27.85 20.23
CA LEU A 46 23.60 28.41 19.13
C LEU A 46 22.17 27.92 19.22
N ILE A 47 21.95 26.62 19.59
CA ILE A 47 20.60 26.05 19.74
C ILE A 47 19.87 26.73 20.93
N GLN A 48 20.59 26.99 22.03
CA GLN A 48 20.02 27.66 23.21
C GLN A 48 19.47 29.05 22.87
N ARG A 49 20.14 29.77 21.94
CA ARG A 49 19.70 31.10 21.48
C ARG A 49 18.36 30.97 20.71
N ILE A 50 18.19 29.85 19.96
CA ILE A 50 16.98 29.55 19.19
C ILE A 50 15.85 29.16 20.15
N THR A 51 16.13 28.24 21.12
CA THR A 51 15.13 27.75 22.08
C THR A 51 14.67 28.86 23.06
N ASP A 52 15.48 29.94 23.20
CA ASP A 52 15.11 31.10 24.02
C ASP A 52 13.91 31.84 23.39
N ARG A 53 13.64 31.59 22.08
CA ARG A 53 12.54 32.17 21.30
C ARG A 53 11.22 31.40 21.52
N LEU A 54 11.26 30.24 22.20
CA LEU A 54 10.07 29.45 22.49
C LEU A 54 9.23 30.15 23.59
N PRO A 55 7.89 29.92 23.64
CA PRO A 55 7.07 30.64 24.64
C PRO A 55 7.39 30.37 26.12
N ALA A 56 8.02 29.21 26.43
CA ALA A 56 8.40 28.85 27.81
C ALA A 56 9.81 28.28 27.90
N LYS A 57 10.42 28.40 29.08
CA LYS A 57 11.75 27.87 29.38
C LYS A 57 11.71 26.34 29.39
N ALA A 58 12.80 25.71 28.93
CA ALA A 58 12.93 24.26 28.90
C ALA A 58 14.39 23.88 28.98
N PRO A 59 14.76 22.89 29.84
CA PRO A 59 16.17 22.45 29.89
C PRO A 59 16.61 21.87 28.54
N LEU A 60 17.85 22.18 28.11
CA LEU A 60 18.41 21.70 26.85
C LEU A 60 19.56 20.74 27.16
N LEU A 61 19.45 19.50 26.66
CA LEU A 61 20.44 18.44 26.91
C LEU A 61 21.14 18.08 25.62
N GLU A 62 22.43 17.73 25.71
CA GLU A 62 23.19 17.34 24.52
C GLU A 62 22.86 15.91 24.13
N LEU A 63 22.58 15.68 22.83
CA LEU A 63 22.31 14.33 22.32
C LEU A 63 22.77 14.17 20.89
N ASP A 64 23.90 13.47 20.71
CA ASP A 64 24.43 13.05 19.42
C ASP A 64 24.00 11.58 19.36
N VAL A 65 23.05 11.24 18.48
CA VAL A 65 22.53 9.87 18.37
C VAL A 65 23.60 8.84 17.93
N GLN A 66 24.74 9.31 17.39
CA GLN A 66 25.85 8.46 16.98
C GLN A 66 26.82 8.19 18.15
N ASN A 67 26.58 8.85 19.28
CA ASN A 67 27.41 8.74 20.48
C ASN A 67 26.76 7.80 21.51
N GLU A 68 27.34 6.61 21.67
CA GLU A 68 26.84 5.59 22.60
C GLU A 68 26.83 6.05 24.06
N GLU A 69 27.80 6.90 24.46
CA GLU A 69 27.87 7.43 25.83
C GLU A 69 26.71 8.41 26.10
N HIS A 70 26.35 9.22 25.09
CA HIS A 70 25.23 10.17 25.17
C HIS A 70 23.92 9.40 25.35
N LEU A 71 23.78 8.26 24.63
CA LEU A 71 22.59 7.40 24.72
C LEU A 71 22.49 6.69 26.07
N ALA A 72 23.64 6.19 26.58
CA ALA A 72 23.75 5.49 27.87
C ALA A 72 23.42 6.37 29.07
N SER A 73 23.66 7.69 28.96
CA SER A 73 23.42 8.65 30.04
C SER A 73 22.12 9.43 29.91
N LEU A 74 21.46 9.35 28.73
CA LEU A 74 20.25 10.12 28.42
C LEU A 74 19.14 10.02 29.47
N ALA A 75 18.69 8.81 29.82
CA ALA A 75 17.63 8.59 30.82
C ALA A 75 17.95 9.27 32.17
N GLY A 76 19.19 9.10 32.64
CA GLY A 76 19.68 9.72 33.88
C GLY A 76 19.62 11.24 33.84
N ARG A 77 20.06 11.82 32.70
CA ARG A 77 20.07 13.28 32.49
C ARG A 77 18.67 13.86 32.38
N VAL A 78 17.73 13.11 31.74
CA VAL A 78 16.34 13.54 31.62
C VAL A 78 15.67 13.53 33.00
N THR A 79 15.88 12.43 33.78
CA THR A 79 15.34 12.25 35.15
C THR A 79 15.78 13.39 36.05
N GLU A 80 17.06 13.82 35.95
CA GLU A 80 17.60 14.94 36.71
C GLU A 80 16.88 16.24 36.34
N ALA A 81 16.59 16.44 35.03
CA ALA A 81 15.90 17.62 34.52
C ALA A 81 14.41 17.70 34.91
N ILE A 82 13.70 16.55 34.98
CA ILE A 82 12.26 16.52 35.31
C ILE A 82 11.97 16.19 36.79
N GLY A 83 13.01 15.82 37.54
CA GLY A 83 12.90 15.47 38.95
C GLY A 83 12.69 13.98 39.15
N ALA A 84 13.32 13.41 40.20
CA ALA A 84 13.22 11.98 40.55
C ALA A 84 11.77 11.61 40.87
N GLY A 85 11.35 10.45 40.40
CA GLY A 85 9.98 9.98 40.59
C GLY A 85 9.03 10.40 39.49
N ASN A 86 9.50 11.27 38.57
CA ASN A 86 8.73 11.73 37.42
C ASN A 86 9.23 11.03 36.16
N LYS A 87 8.30 10.68 35.27
CA LYS A 87 8.63 10.02 34.01
C LYS A 87 8.10 10.83 32.82
N LEU A 88 8.56 10.50 31.60
CA LEU A 88 8.11 11.15 30.37
C LEU A 88 6.80 10.56 29.90
N ASP A 89 5.96 11.39 29.27
CA ASP A 89 4.70 10.98 28.64
C ASP A 89 4.85 10.96 27.14
N GLY A 90 5.84 11.70 26.62
CA GLY A 90 6.06 11.80 25.19
C GLY A 90 7.51 11.97 24.80
N VAL A 91 7.83 11.48 23.60
CA VAL A 91 9.16 11.56 22.99
C VAL A 91 8.94 11.92 21.52
N VAL A 92 9.66 12.93 21.05
CA VAL A 92 9.60 13.35 19.64
C VAL A 92 10.99 13.19 19.03
N HIS A 93 11.09 12.36 17.97
CA HIS A 93 12.31 12.16 17.21
C HIS A 93 12.12 13.01 15.94
N SER A 94 12.87 14.09 15.81
CA SER A 94 12.77 14.97 14.64
C SER A 94 14.21 15.16 14.14
N ILE A 95 14.86 14.02 13.90
CA ILE A 95 16.27 13.93 13.53
C ILE A 95 16.41 13.25 12.18
N GLY A 96 17.21 13.85 11.30
CA GLY A 96 17.49 13.31 9.99
C GLY A 96 18.74 13.95 9.39
N PHE A 97 19.50 13.14 8.65
CA PHE A 97 20.69 13.59 7.95
C PHE A 97 21.11 12.59 6.91
N MET A 98 21.52 13.10 5.75
CA MET A 98 22.11 12.30 4.68
C MET A 98 23.12 13.21 3.99
N PRO A 99 24.41 12.80 3.87
CA PRO A 99 25.37 13.67 3.17
C PRO A 99 24.93 13.97 1.72
N GLN A 100 25.43 15.10 1.14
CA GLN A 100 25.12 15.51 -0.25
C GLN A 100 25.42 14.45 -1.31
N THR A 101 26.38 13.54 -1.04
CA THR A 101 26.69 12.42 -1.93
C THR A 101 25.48 11.43 -2.10
N GLY A 102 24.60 11.37 -1.09
CA GLY A 102 23.43 10.48 -1.09
C GLY A 102 22.10 11.18 -1.22
N MET A 103 22.09 12.51 -1.19
CA MET A 103 20.84 13.30 -1.24
C MET A 103 21.18 14.66 -1.87
N GLY A 104 20.75 14.86 -3.11
CA GLY A 104 21.02 16.09 -3.87
C GLY A 104 21.23 15.84 -5.36
N ILE A 105 22.29 16.42 -5.93
CA ILE A 105 22.60 16.31 -7.37
C ILE A 105 23.50 15.12 -7.70
N ASN A 106 24.19 14.56 -6.70
CA ASN A 106 25.10 13.42 -6.92
C ASN A 106 24.31 12.19 -7.41
N PRO A 107 24.74 11.53 -8.52
CA PRO A 107 24.01 10.34 -9.00
C PRO A 107 23.78 9.30 -7.91
N PHE A 108 22.59 8.67 -7.90
CA PHE A 108 22.21 7.64 -6.93
C PHE A 108 23.33 6.58 -6.74
N PHE A 109 23.94 6.13 -7.84
CA PHE A 109 25.03 5.12 -7.81
C PHE A 109 26.38 5.65 -7.28
N ASP A 110 26.53 6.98 -7.15
CA ASP A 110 27.82 7.54 -6.72
C ASP A 110 27.91 7.81 -5.22
N ALA A 111 26.89 7.42 -4.44
CA ALA A 111 26.94 7.61 -2.98
C ALA A 111 27.81 6.50 -2.35
N PRO A 112 28.95 6.83 -1.68
CA PRO A 112 29.73 5.76 -1.05
C PRO A 112 29.03 5.21 0.18
N TYR A 113 29.27 3.93 0.51
CA TYR A 113 28.56 3.31 1.64
C TYR A 113 28.81 4.02 2.98
N ALA A 114 30.02 4.57 3.23
CA ALA A 114 30.28 5.26 4.49
C ALA A 114 29.26 6.40 4.72
N ASP A 115 28.95 7.17 3.66
CA ASP A 115 28.00 8.28 3.72
C ASP A 115 26.57 7.77 3.91
N VAL A 116 26.17 6.75 3.13
CA VAL A 116 24.84 6.15 3.25
C VAL A 116 24.66 5.59 4.68
N SER A 117 25.64 4.83 5.20
CA SER A 117 25.60 4.24 6.54
C SER A 117 25.44 5.30 7.62
N LYS A 118 26.17 6.42 7.52
CA LYS A 118 26.04 7.51 8.49
C LYS A 118 24.59 8.06 8.45
N GLY A 119 24.05 8.26 7.25
CA GLY A 119 22.70 8.76 7.04
C GLY A 119 21.64 7.86 7.59
N ILE A 120 21.80 6.54 7.42
CA ILE A 120 20.85 5.55 7.95
C ILE A 120 20.93 5.48 9.49
N HIS A 121 22.15 5.59 10.04
CA HIS A 121 22.39 5.56 11.49
C HIS A 121 21.59 6.71 12.15
N ILE A 122 21.79 7.93 11.65
CA ILE A 122 21.16 9.15 12.19
C ILE A 122 19.64 9.18 11.91
N SER A 123 19.23 8.84 10.67
CA SER A 123 17.82 8.95 10.23
C SER A 123 16.89 7.78 10.59
N ALA A 124 17.41 6.54 10.74
CA ALA A 124 16.56 5.38 10.98
C ALA A 124 16.89 4.61 12.25
N TYR A 125 18.13 4.14 12.37
CA TYR A 125 18.58 3.36 13.53
C TYR A 125 18.38 4.13 14.83
N SER A 126 18.66 5.44 14.83
CA SER A 126 18.50 6.27 16.02
C SER A 126 17.07 6.33 16.59
N TYR A 127 16.04 5.99 15.77
CA TYR A 127 14.66 5.96 16.28
C TYR A 127 14.57 4.82 17.31
N ALA A 128 15.20 3.64 17.00
CA ALA A 128 15.29 2.52 17.94
C ALA A 128 16.18 2.89 19.15
N SER A 129 17.33 3.57 18.91
CA SER A 129 18.26 3.98 19.99
C SER A 129 17.55 4.85 21.04
N MET A 130 16.79 5.85 20.57
CA MET A 130 16.05 6.78 21.43
C MET A 130 14.99 6.03 22.22
N ALA A 131 14.25 5.11 21.58
CA ALA A 131 13.23 4.30 22.25
C ALA A 131 13.86 3.43 23.33
N LYS A 132 15.00 2.76 23.02
CA LYS A 132 15.73 1.92 23.97
C LYS A 132 16.13 2.71 25.22
N ALA A 133 16.70 3.90 25.01
CA ALA A 133 17.15 4.76 26.10
C ALA A 133 16.00 5.35 26.95
N LEU A 134 14.89 5.72 26.30
CA LEU A 134 13.81 6.43 27.00
C LEU A 134 12.61 5.59 27.44
N LEU A 135 12.30 4.43 26.81
CA LEU A 135 11.18 3.60 27.28
C LEU A 135 11.26 3.27 28.80
N PRO A 136 12.44 2.94 29.40
CA PRO A 136 12.47 2.70 30.86
C PRO A 136 12.04 3.88 31.74
N ILE A 137 12.00 5.11 31.16
CA ILE A 137 11.57 6.31 31.89
C ILE A 137 10.29 6.93 31.26
N MET A 138 9.42 6.07 30.68
CA MET A 138 8.15 6.51 30.11
C MET A 138 6.96 5.94 30.85
N ASN A 139 5.91 6.76 31.00
CA ASN A 139 4.69 6.33 31.68
C ASN A 139 3.76 5.54 30.74
N PRO A 140 2.92 4.60 31.29
CA PRO A 140 1.90 3.96 30.44
C PRO A 140 0.98 5.03 29.86
N GLY A 141 0.53 4.81 28.63
CA GLY A 141 -0.29 5.76 27.90
C GLY A 141 0.59 6.72 27.11
N GLY A 142 1.91 6.55 27.25
CA GLY A 142 2.94 7.35 26.60
C GLY A 142 2.94 7.26 25.08
N SER A 143 3.66 8.19 24.44
CA SER A 143 3.67 8.25 22.98
C SER A 143 5.03 8.67 22.41
N ILE A 144 5.56 7.89 21.46
CA ILE A 144 6.82 8.19 20.76
C ILE A 144 6.42 8.54 19.32
N VAL A 145 6.85 9.72 18.85
CA VAL A 145 6.53 10.17 17.49
C VAL A 145 7.83 10.49 16.74
N GLY A 146 7.94 10.03 15.50
CA GLY A 146 9.07 10.32 14.62
C GLY A 146 8.61 10.98 13.36
N MET A 147 9.51 11.71 12.68
CA MET A 147 9.19 12.41 11.43
C MET A 147 9.58 11.59 10.21
N ASP A 148 8.67 11.55 9.24
CA ASP A 148 8.85 10.73 8.02
C ASP A 148 8.51 11.57 6.79
N PHE A 149 8.98 11.12 5.62
CA PHE A 149 8.69 11.69 4.30
C PHE A 149 8.35 10.46 3.46
N ASP A 150 7.09 10.35 3.00
CA ASP A 150 6.60 9.18 2.25
C ASP A 150 7.62 8.62 1.22
N PRO A 151 8.17 7.41 1.50
CA PRO A 151 9.16 6.82 0.59
C PRO A 151 8.61 5.62 -0.24
N SER A 152 7.27 5.48 -0.33
CA SER A 152 6.58 4.39 -1.04
C SER A 152 6.92 4.33 -2.54
N ARG A 153 7.25 5.49 -3.10
CA ARG A 153 7.64 5.64 -4.51
C ARG A 153 8.95 6.43 -4.60
N ALA A 154 9.80 6.12 -5.60
CA ALA A 154 11.06 6.86 -5.78
C ALA A 154 10.77 8.23 -6.35
N MET A 155 11.69 9.16 -6.13
CA MET A 155 11.56 10.53 -6.60
C MET A 155 12.94 11.12 -6.87
N PRO A 156 13.06 12.16 -7.73
CA PRO A 156 14.39 12.75 -7.97
C PRO A 156 15.01 13.35 -6.71
N ALA A 157 16.35 13.45 -6.69
CA ALA A 157 17.20 14.09 -5.68
C ALA A 157 17.19 13.47 -4.27
N TYR A 158 16.01 13.12 -3.69
CA TYR A 158 15.93 12.59 -2.33
C TYR A 158 16.77 11.31 -2.14
N ASN A 159 16.85 10.52 -3.20
CA ASN A 159 17.72 9.36 -3.35
C ASN A 159 17.87 8.51 -2.06
N TRP A 160 19.07 8.48 -1.43
CA TRP A 160 19.35 7.66 -0.25
C TRP A 160 18.62 8.12 1.02
N MET A 161 18.16 9.39 1.11
CA MET A 161 17.32 9.82 2.22
C MET A 161 15.95 9.09 2.14
N THR A 162 15.44 8.87 0.91
CA THR A 162 14.20 8.10 0.69
C THR A 162 14.40 6.66 1.19
N VAL A 163 15.56 6.06 0.90
CA VAL A 163 15.91 4.71 1.33
C VAL A 163 15.97 4.67 2.87
N ALA A 164 16.58 5.70 3.49
CA ALA A 164 16.64 5.85 4.96
C ALA A 164 15.21 5.94 5.57
N LYS A 165 14.28 6.66 4.91
CA LYS A 165 12.88 6.75 5.37
C LYS A 165 12.14 5.39 5.25
N SER A 166 12.41 4.62 4.19
CA SER A 166 11.85 3.27 4.06
C SER A 166 12.32 2.41 5.25
N ALA A 167 13.63 2.50 5.60
CA ALA A 167 14.19 1.80 6.76
C ALA A 167 13.51 2.29 8.06
N LEU A 168 13.32 3.62 8.21
CA LEU A 168 12.68 4.22 9.39
C LEU A 168 11.27 3.65 9.62
N GLU A 169 10.46 3.59 8.54
CA GLU A 169 9.08 3.06 8.64
C GLU A 169 9.09 1.63 9.17
N SER A 170 10.07 0.81 8.72
CA SER A 170 10.20 -0.56 9.20
C SER A 170 10.61 -0.58 10.70
N VAL A 171 11.60 0.25 11.08
CA VAL A 171 12.08 0.40 12.46
C VAL A 171 10.91 0.77 13.39
N ASN A 172 10.07 1.72 12.97
CA ASN A 172 8.88 2.15 13.73
C ASN A 172 7.95 0.98 14.09
N ARG A 173 7.74 0.03 13.15
CA ARG A 173 6.88 -1.13 13.38
C ARG A 173 7.47 -2.04 14.47
N PHE A 174 8.81 -2.20 14.49
CA PHE A 174 9.51 -2.98 15.52
C PHE A 174 9.55 -2.24 16.85
N VAL A 175 9.77 -0.91 16.83
CA VAL A 175 9.75 -0.09 18.05
C VAL A 175 8.35 -0.21 18.73
N ALA A 176 7.27 -0.22 17.93
CA ALA A 176 5.90 -0.37 18.47
C ALA A 176 5.74 -1.67 19.28
N ARG A 177 6.36 -2.79 18.82
CA ARG A 177 6.32 -4.07 19.52
C ARG A 177 6.96 -3.92 20.92
N GLU A 178 8.12 -3.24 20.99
CA GLU A 178 8.83 -3.00 22.26
C GLU A 178 8.08 -2.03 23.15
N ALA A 179 7.65 -0.88 22.59
CA ALA A 179 6.91 0.16 23.31
C ALA A 179 5.60 -0.38 23.93
N GLY A 180 4.93 -1.29 23.23
CA GLY A 180 3.69 -1.92 23.69
C GLY A 180 3.79 -2.57 25.06
N LYS A 181 4.99 -3.11 25.40
CA LYS A 181 5.29 -3.75 26.69
C LYS A 181 5.20 -2.76 27.86
N TYR A 182 5.37 -1.46 27.56
CA TYR A 182 5.32 -0.33 28.50
C TYR A 182 4.00 0.46 28.42
N GLY A 183 3.07 0.00 27.59
CA GLY A 183 1.80 0.67 27.36
C GLY A 183 2.02 1.97 26.59
N VAL A 184 3.08 2.02 25.79
CA VAL A 184 3.50 3.19 25.00
C VAL A 184 3.27 2.93 23.49
N ARG A 185 2.80 3.96 22.78
CA ARG A 185 2.57 3.92 21.34
C ARG A 185 3.79 4.46 20.62
N SER A 186 4.01 4.00 19.37
CA SER A 186 5.08 4.47 18.49
C SER A 186 4.50 4.75 17.12
N ASN A 187 4.62 6.00 16.62
CA ASN A 187 4.09 6.32 15.30
C ASN A 187 4.95 7.32 14.57
N LEU A 188 4.78 7.40 13.24
CA LEU A 188 5.48 8.40 12.45
C LEU A 188 4.48 9.38 11.85
N VAL A 189 4.89 10.64 11.71
CA VAL A 189 4.11 11.61 10.98
C VAL A 189 4.84 11.83 9.64
N ALA A 190 4.18 11.50 8.53
CA ALA A 190 4.77 11.69 7.19
C ALA A 190 4.29 13.07 6.73
N ALA A 191 5.20 14.01 6.71
CA ALA A 191 4.90 15.40 6.35
C ALA A 191 5.15 15.65 4.87
N GLY A 192 4.48 16.67 4.34
CA GLY A 192 4.75 17.16 3.00
C GLY A 192 6.01 18.03 3.06
N PRO A 193 6.50 18.61 1.94
CA PRO A 193 7.76 19.37 2.00
C PRO A 193 7.64 20.65 2.83
N ILE A 194 8.65 20.92 3.67
CA ILE A 194 8.72 22.12 4.54
C ILE A 194 10.04 22.81 4.30
N ARG A 195 10.00 24.13 4.15
CA ARG A 195 11.20 24.95 3.88
C ARG A 195 12.10 25.15 5.14
N THR A 196 12.80 24.07 5.52
CA THR A 196 13.80 24.03 6.59
C THR A 196 15.19 24.27 5.92
N LEU A 197 16.28 24.41 6.72
CA LEU A 197 17.64 24.72 6.29
C LEU A 197 18.08 24.14 4.91
N ALA A 198 18.15 22.79 4.77
CA ALA A 198 18.56 22.10 3.53
C ALA A 198 17.61 22.35 2.36
N MET A 199 16.28 22.39 2.64
CA MET A 199 15.24 22.65 1.63
C MET A 199 15.33 24.05 1.07
N SER A 200 15.62 25.06 1.93
CA SER A 200 15.80 26.46 1.52
C SER A 200 17.04 26.59 0.63
N ALA A 201 18.10 25.82 0.93
CA ALA A 201 19.36 25.81 0.17
C ALA A 201 19.16 25.28 -1.27
N ILE A 202 18.54 24.10 -1.42
CA ILE A 202 18.31 23.51 -2.75
C ILE A 202 17.40 24.42 -3.63
N VAL A 203 16.31 24.98 -3.07
CA VAL A 203 15.40 25.89 -3.78
C VAL A 203 16.14 27.19 -4.16
N GLY A 204 17.03 27.64 -3.26
CA GLY A 204 17.84 28.84 -3.46
C GLY A 204 18.91 28.75 -4.55
N GLY A 205 19.21 27.55 -5.03
CA GLY A 205 20.20 27.35 -6.08
C GLY A 205 21.56 26.85 -5.66
N ALA A 206 21.74 26.48 -4.36
CA ALA A 206 23.00 25.97 -3.79
C ALA A 206 23.56 24.74 -4.50
N LEU A 207 22.67 23.87 -5.01
CA LEU A 207 23.04 22.65 -5.71
C LEU A 207 22.95 22.83 -7.24
N GLY A 208 22.73 24.06 -7.69
CA GLY A 208 22.61 24.38 -9.12
C GLY A 208 21.20 24.54 -9.65
N GLU A 209 21.11 24.94 -10.93
CA GLU A 209 19.89 25.20 -11.69
C GLU A 209 18.97 23.97 -11.79
N GLU A 210 19.53 22.81 -12.20
CA GLU A 210 18.79 21.56 -12.37
C GLU A 210 18.10 21.06 -11.09
N ALA A 211 18.83 20.99 -9.95
CA ALA A 211 18.30 20.54 -8.67
C ALA A 211 17.24 21.48 -8.12
N GLY A 212 17.46 22.78 -8.27
CA GLY A 212 16.52 23.81 -7.83
C GLY A 212 15.17 23.69 -8.51
N ALA A 213 15.21 23.46 -9.85
CA ALA A 213 14.03 23.29 -10.70
C ALA A 213 13.23 22.02 -10.36
N GLN A 214 13.91 20.87 -10.10
CA GLN A 214 13.17 19.65 -9.78
C GLN A 214 12.50 19.72 -8.40
N ILE A 215 13.11 20.43 -7.40
CA ILE A 215 12.47 20.57 -6.08
C ILE A 215 11.28 21.55 -6.19
N GLN A 216 11.40 22.59 -7.04
CA GLN A 216 10.31 23.54 -7.28
C GLN A 216 9.09 22.79 -7.89
N LEU A 217 9.35 21.94 -8.90
CA LEU A 217 8.33 21.13 -9.56
C LEU A 217 7.64 20.19 -8.56
N LEU A 218 8.43 19.56 -7.67
CA LEU A 218 7.91 18.65 -6.63
C LEU A 218 6.94 19.39 -5.71
N GLU A 219 7.35 20.59 -5.24
CA GLU A 219 6.56 21.43 -4.35
C GLU A 219 5.25 21.91 -4.98
N GLU A 220 5.31 22.37 -6.25
CA GLU A 220 4.14 22.85 -6.99
C GLU A 220 3.13 21.71 -7.16
N GLY A 221 3.62 20.52 -7.54
CA GLY A 221 2.79 19.33 -7.73
C GLY A 221 2.07 18.92 -6.45
N TRP A 222 2.78 19.02 -5.31
CA TRP A 222 2.27 18.68 -3.99
C TRP A 222 1.04 19.54 -3.60
N ASP A 223 1.15 20.86 -3.76
CA ASP A 223 0.05 21.79 -3.49
C ASP A 223 -1.11 21.55 -4.47
N GLN A 224 -0.79 21.23 -5.75
CA GLN A 224 -1.80 20.91 -6.78
C GLN A 224 -2.59 19.65 -6.44
N ARG A 225 -1.89 18.55 -6.05
CA ARG A 225 -2.48 17.25 -5.71
C ARG A 225 -3.31 17.27 -4.44
N ALA A 226 -2.82 17.99 -3.42
CA ALA A 226 -3.46 18.08 -2.11
C ALA A 226 -4.87 18.67 -2.22
N PRO A 227 -5.95 17.90 -1.88
CA PRO A 227 -7.30 18.48 -1.99
C PRO A 227 -7.53 19.72 -1.15
N ILE A 228 -6.77 19.87 -0.04
CA ILE A 228 -6.88 21.04 0.86
C ILE A 228 -5.67 21.98 0.72
N GLY A 229 -4.86 21.73 -0.30
CA GLY A 229 -3.64 22.49 -0.58
C GLY A 229 -2.50 22.16 0.35
N TRP A 230 -1.33 22.73 0.06
CA TRP A 230 -0.14 22.50 0.86
C TRP A 230 0.71 23.76 0.90
N ASN A 231 0.99 24.25 2.10
CA ASN A 231 1.85 25.43 2.30
C ASN A 231 3.20 25.00 2.87
N MET A 232 4.22 24.93 2.00
CA MET A 232 5.57 24.51 2.40
C MET A 232 6.27 25.49 3.34
N LYS A 233 5.74 26.73 3.46
CA LYS A 233 6.31 27.74 4.35
C LYS A 233 5.71 27.64 5.76
N ASP A 234 4.72 26.76 5.97
CA ASP A 234 4.05 26.65 7.26
C ASP A 234 4.14 25.26 7.90
N ALA A 235 4.95 25.13 8.97
CA ALA A 235 5.11 23.86 9.69
C ALA A 235 4.01 23.60 10.75
N THR A 236 3.17 24.61 11.06
CA THR A 236 2.12 24.47 12.07
C THR A 236 1.18 23.25 11.84
N PRO A 237 0.65 22.96 10.61
CA PRO A 237 -0.23 21.78 10.48
C PRO A 237 0.49 20.46 10.82
N VAL A 238 1.81 20.40 10.57
CA VAL A 238 2.65 19.24 10.89
C VAL A 238 2.83 19.17 12.42
N ALA A 239 3.17 20.30 13.07
CA ALA A 239 3.34 20.44 14.52
C ALA A 239 2.04 19.99 15.24
N LYS A 240 0.86 20.42 14.75
CA LYS A 240 -0.44 20.06 15.32
C LYS A 240 -0.67 18.54 15.26
N THR A 241 -0.33 17.92 14.13
CA THR A 241 -0.46 16.47 13.91
C THR A 241 0.38 15.67 14.93
N VAL A 242 1.63 16.10 15.15
CA VAL A 242 2.53 15.47 16.12
C VAL A 242 1.89 15.56 17.50
N CYS A 243 1.38 16.76 17.86
CA CYS A 243 0.71 16.97 19.14
C CYS A 243 -0.53 16.08 19.30
N ALA A 244 -1.29 15.86 18.21
CA ALA A 244 -2.45 14.95 18.25
C ALA A 244 -1.99 13.54 18.64
N LEU A 245 -0.88 13.06 18.07
CA LEU A 245 -0.34 11.74 18.43
C LEU A 245 0.23 11.68 19.86
N LEU A 246 0.74 12.81 20.36
CA LEU A 246 1.27 12.91 21.73
C LEU A 246 0.14 12.93 22.76
N SER A 247 -1.08 13.32 22.33
CA SER A 247 -2.26 13.42 23.17
C SER A 247 -2.89 12.06 23.46
N ASP A 248 -3.99 12.06 24.23
CA ASP A 248 -4.73 10.83 24.56
C ASP A 248 -5.82 10.55 23.51
N TRP A 249 -5.86 11.32 22.40
CA TRP A 249 -6.95 11.23 21.41
C TRP A 249 -6.75 10.22 20.27
N LEU A 250 -5.59 9.55 20.19
CA LEU A 250 -5.36 8.47 19.22
C LEU A 250 -4.82 7.28 20.03
N PRO A 251 -5.63 6.74 20.98
CA PRO A 251 -5.10 5.75 21.92
C PRO A 251 -4.93 4.32 21.42
N ALA A 252 -5.48 4.01 20.24
CA ALA A 252 -5.43 2.67 19.65
C ALA A 252 -4.59 2.64 18.36
N THR A 253 -3.74 3.67 18.15
CA THR A 253 -2.89 3.77 16.97
C THR A 253 -1.43 3.55 17.35
N THR A 254 -0.79 2.51 16.79
CA THR A 254 0.62 2.23 17.03
C THR A 254 1.27 1.48 15.85
N GLY A 255 2.58 1.65 15.70
CA GLY A 255 3.42 1.11 14.62
C GLY A 255 2.97 1.65 13.27
N ASP A 256 2.32 2.81 13.30
CA ASP A 256 1.63 3.39 12.16
C ASP A 256 2.21 4.70 11.64
N ILE A 257 1.62 5.17 10.52
CA ILE A 257 2.01 6.43 9.86
C ILE A 257 0.77 7.29 9.65
N ILE A 258 0.80 8.54 10.17
CA ILE A 258 -0.26 9.54 9.98
C ILE A 258 0.31 10.53 8.96
N TYR A 259 -0.45 10.81 7.90
CA TYR A 259 0.00 11.71 6.84
C TYR A 259 -0.47 13.14 7.02
N ALA A 260 0.46 14.06 7.29
CA ALA A 260 0.18 15.49 7.40
C ALA A 260 0.78 16.11 6.13
N ASP A 261 0.11 15.87 4.99
CA ASP A 261 0.60 16.25 3.66
C ASP A 261 -0.44 16.91 2.76
N GLY A 262 -1.53 17.39 3.35
CA GLY A 262 -2.65 18.02 2.64
C GLY A 262 -3.47 16.99 1.85
N GLY A 263 -3.20 15.71 2.08
CA GLY A 263 -3.82 14.59 1.39
C GLY A 263 -3.19 14.32 0.02
N ALA A 264 -2.03 14.94 -0.28
CA ALA A 264 -1.35 14.79 -1.59
C ALA A 264 -1.09 13.32 -1.99
N HIS A 265 -0.70 12.45 -1.01
CA HIS A 265 -0.35 11.04 -1.27
C HIS A 265 -1.56 10.16 -1.66
N THR A 266 -2.78 10.70 -1.52
CA THR A 266 -4.02 9.93 -1.82
C THR A 266 -4.55 10.23 -3.23
N GLN A 267 -3.86 11.13 -3.96
CA GLN A 267 -4.29 11.60 -5.27
C GLN A 267 -3.20 11.40 -6.29
N LEU A 268 -3.57 10.95 -7.49
CA LEU A 268 -2.58 10.74 -8.56
C LEU A 268 -2.29 12.04 -9.27
N LEU A 269 -3.35 12.74 -9.70
CA LEU A 269 -3.31 14.02 -10.41
C LEU A 269 -4.41 14.94 -9.84
N THR B 2 6.30 -24.71 -30.16
CA THR B 2 7.06 -24.46 -28.93
C THR B 2 6.73 -23.07 -28.31
N GLY B 3 5.44 -22.81 -28.16
CA GLY B 3 4.96 -21.57 -27.58
C GLY B 3 4.81 -21.62 -26.07
N LEU B 4 4.69 -20.43 -25.44
CA LEU B 4 4.51 -20.27 -23.99
C LEU B 4 3.25 -21.00 -23.48
N LEU B 5 2.20 -21.05 -24.32
CA LEU B 5 0.91 -21.63 -23.92
C LEU B 5 0.51 -22.84 -24.79
N ASP B 6 1.51 -23.60 -25.28
CA ASP B 6 1.31 -24.78 -26.12
C ASP B 6 0.33 -25.76 -25.50
N GLY B 7 -0.73 -26.08 -26.25
CA GLY B 7 -1.78 -27.01 -25.84
C GLY B 7 -2.75 -26.52 -24.77
N LYS B 8 -2.60 -25.28 -24.26
CA LYS B 8 -3.50 -24.76 -23.23
C LYS B 8 -4.85 -24.33 -23.84
N ARG B 9 -5.95 -24.63 -23.14
CA ARG B 9 -7.30 -24.23 -23.57
C ARG B 9 -7.69 -23.01 -22.76
N ILE B 10 -7.87 -21.86 -23.43
CA ILE B 10 -8.11 -20.59 -22.73
C ILE B 10 -9.34 -19.85 -23.23
N LEU B 11 -10.19 -19.39 -22.28
CA LEU B 11 -11.36 -18.59 -22.60
C LEU B 11 -10.96 -17.11 -22.50
N VAL B 12 -11.27 -16.33 -23.55
CA VAL B 12 -10.96 -14.88 -23.58
C VAL B 12 -12.25 -14.10 -23.81
N SER B 13 -12.62 -13.27 -22.84
CA SER B 13 -13.81 -12.42 -22.92
C SER B 13 -13.35 -10.98 -23.20
N GLY B 14 -14.26 -10.12 -23.64
CA GLY B 14 -13.97 -8.69 -23.79
C GLY B 14 -13.55 -8.13 -25.14
N ILE B 15 -13.57 -8.94 -26.21
CA ILE B 15 -13.26 -8.41 -27.53
C ILE B 15 -14.50 -7.66 -28.06
N ILE B 16 -14.31 -6.38 -28.45
CA ILE B 16 -15.35 -5.56 -29.09
C ILE B 16 -14.78 -4.97 -30.41
N THR B 17 -13.54 -4.45 -30.37
CA THR B 17 -12.83 -3.92 -31.55
C THR B 17 -11.44 -4.54 -31.61
N ASP B 18 -10.67 -4.28 -32.69
CA ASP B 18 -9.31 -4.80 -32.80
C ASP B 18 -8.33 -3.98 -31.93
N SER B 19 -8.82 -2.91 -31.28
CA SER B 19 -8.04 -2.10 -30.33
C SER B 19 -8.27 -2.61 -28.90
N SER B 20 -9.32 -3.46 -28.66
CA SER B 20 -9.62 -4.03 -27.33
C SER B 20 -8.38 -4.73 -26.77
N ILE B 21 -8.11 -4.58 -25.47
CA ILE B 21 -6.99 -5.25 -24.82
C ILE B 21 -7.16 -6.78 -25.00
N ALA B 22 -8.41 -7.30 -24.94
CA ALA B 22 -8.72 -8.72 -25.15
C ALA B 22 -8.33 -9.22 -26.55
N PHE B 23 -8.42 -8.34 -27.58
CA PHE B 23 -8.02 -8.73 -28.94
C PHE B 23 -6.53 -9.06 -28.96
N HIS B 24 -5.71 -8.20 -28.31
CA HIS B 24 -4.26 -8.37 -28.23
C HIS B 24 -3.89 -9.56 -27.36
N ILE B 25 -4.63 -9.81 -26.25
CA ILE B 25 -4.43 -10.97 -25.38
C ILE B 25 -4.67 -12.23 -26.23
N ALA B 26 -5.83 -12.28 -26.94
CA ALA B 26 -6.21 -13.39 -27.80
C ALA B 26 -5.16 -13.66 -28.89
N ARG B 27 -4.70 -12.59 -29.58
CA ARG B 27 -3.68 -12.67 -30.63
C ARG B 27 -2.36 -13.26 -30.10
N VAL B 28 -1.83 -12.72 -28.98
CA VAL B 28 -0.56 -13.21 -28.41
C VAL B 28 -0.70 -14.66 -27.93
N ALA B 29 -1.84 -15.00 -27.27
CA ALA B 29 -2.08 -16.37 -26.80
C ALA B 29 -2.07 -17.38 -27.96
N GLN B 30 -2.70 -17.05 -29.11
CA GLN B 30 -2.71 -17.91 -30.29
C GLN B 30 -1.31 -18.05 -30.90
N GLU B 31 -0.53 -16.94 -30.92
CA GLU B 31 0.85 -16.93 -31.41
C GLU B 31 1.69 -17.89 -30.54
N GLN B 32 1.30 -18.01 -29.24
CA GLN B 32 1.99 -18.85 -28.26
C GLN B 32 1.39 -20.27 -28.11
N GLY B 33 0.59 -20.70 -29.09
CA GLY B 33 0.05 -22.06 -29.17
C GLY B 33 -1.21 -22.39 -28.42
N ALA B 34 -1.88 -21.39 -27.81
CA ALA B 34 -3.12 -21.66 -27.07
C ALA B 34 -4.30 -21.89 -28.00
N GLN B 35 -5.25 -22.76 -27.55
CA GLN B 35 -6.51 -23.06 -28.23
C GLN B 35 -7.56 -22.20 -27.51
N LEU B 36 -8.14 -21.21 -28.20
CA LEU B 36 -9.09 -20.28 -27.56
C LEU B 36 -10.56 -20.58 -27.76
N VAL B 37 -11.37 -20.05 -26.82
CA VAL B 37 -12.82 -19.99 -26.79
C VAL B 37 -13.07 -18.50 -26.46
N LEU B 38 -13.77 -17.80 -27.35
CA LEU B 38 -14.03 -16.37 -27.14
C LEU B 38 -15.45 -16.12 -26.71
N THR B 39 -15.67 -15.08 -25.87
CA THR B 39 -17.01 -14.64 -25.46
C THR B 39 -17.18 -13.18 -25.85
N GLY B 40 -18.36 -12.87 -26.37
CA GLY B 40 -18.72 -11.53 -26.81
C GLY B 40 -20.06 -11.05 -26.25
N PHE B 41 -20.22 -9.72 -26.17
CA PHE B 41 -21.42 -9.10 -25.65
C PHE B 41 -22.17 -8.28 -26.70
N ASP B 42 -23.50 -8.53 -26.76
CA ASP B 42 -24.50 -7.82 -27.56
C ASP B 42 -24.30 -7.93 -29.09
N ARG B 43 -23.30 -7.22 -29.65
CA ARG B 43 -23.02 -7.13 -31.09
C ARG B 43 -22.18 -8.31 -31.60
N LEU B 44 -22.72 -9.54 -31.50
CA LEU B 44 -22.00 -10.77 -31.87
C LEU B 44 -21.58 -10.89 -33.32
N ARG B 45 -22.44 -10.47 -34.28
CA ARG B 45 -22.10 -10.54 -35.71
C ARG B 45 -20.92 -9.62 -36.00
N LEU B 46 -21.00 -8.38 -35.50
CA LEU B 46 -19.92 -7.41 -35.61
C LEU B 46 -18.62 -7.94 -34.94
N ILE B 47 -18.73 -8.55 -33.71
CA ILE B 47 -17.57 -9.10 -32.99
C ILE B 47 -16.91 -10.24 -33.80
N GLN B 48 -17.73 -11.10 -34.44
CA GLN B 48 -17.25 -12.19 -35.29
C GLN B 48 -16.39 -11.66 -36.44
N ARG B 49 -16.75 -10.49 -37.00
CA ARG B 49 -15.98 -9.85 -38.08
C ARG B 49 -14.59 -9.40 -37.56
N ILE B 50 -14.52 -8.98 -36.28
CA ILE B 50 -13.27 -8.57 -35.62
C ILE B 50 -12.41 -9.80 -35.32
N THR B 51 -13.02 -10.86 -34.73
CA THR B 51 -12.31 -12.10 -34.35
C THR B 51 -11.83 -12.89 -35.57
N ASP B 52 -12.41 -12.62 -36.77
CA ASP B 52 -11.97 -13.23 -38.04
C ASP B 52 -10.57 -12.73 -38.41
N ARG B 53 -10.14 -11.58 -37.82
CA ARG B 53 -8.84 -10.95 -38.04
C ARG B 53 -7.75 -11.60 -37.16
N LEU B 54 -8.13 -12.48 -36.21
CA LEU B 54 -7.16 -13.16 -35.35
C LEU B 54 -6.39 -14.23 -36.16
N PRO B 55 -5.13 -14.58 -35.77
CA PRO B 55 -4.36 -15.56 -36.58
C PRO B 55 -4.96 -16.96 -36.72
N ALA B 56 -5.82 -17.39 -35.78
CA ALA B 56 -6.46 -18.70 -35.83
C ALA B 56 -7.96 -18.64 -35.52
N LYS B 57 -8.73 -19.62 -36.03
CA LYS B 57 -10.17 -19.73 -35.79
C LYS B 57 -10.43 -20.06 -34.32
N ALA B 58 -11.52 -19.53 -33.77
CA ALA B 58 -11.92 -19.78 -32.39
C ALA B 58 -13.44 -19.66 -32.26
N PRO B 59 -14.11 -20.62 -31.58
CA PRO B 59 -15.57 -20.48 -31.39
C PRO B 59 -15.89 -19.22 -30.57
N LEU B 60 -16.96 -18.51 -30.95
CA LEU B 60 -17.44 -17.30 -30.28
C LEU B 60 -18.78 -17.58 -29.62
N LEU B 61 -18.83 -17.43 -28.28
CA LEU B 61 -20.01 -17.67 -27.44
C LEU B 61 -20.55 -16.35 -26.93
N GLU B 62 -21.89 -16.26 -26.78
CA GLU B 62 -22.52 -15.04 -26.26
C GLU B 62 -22.44 -15.05 -24.75
N LEU B 63 -22.05 -13.91 -24.16
CA LEU B 63 -22.00 -13.77 -22.72
C LEU B 63 -22.19 -12.33 -22.25
N ASP B 64 -23.38 -12.08 -21.71
CA ASP B 64 -23.74 -10.83 -21.06
C ASP B 64 -23.62 -11.20 -19.58
N VAL B 65 -22.61 -10.66 -18.89
CA VAL B 65 -22.37 -10.96 -17.47
C VAL B 65 -23.53 -10.56 -16.54
N GLN B 66 -24.46 -9.71 -17.02
CA GLN B 66 -25.64 -9.27 -16.26
C GLN B 66 -26.81 -10.26 -16.46
N ASN B 67 -26.64 -11.23 -17.37
CA ASN B 67 -27.64 -12.22 -17.68
C ASN B 67 -27.37 -13.54 -16.94
N GLU B 68 -28.20 -13.83 -15.93
CA GLU B 68 -28.07 -15.04 -15.10
C GLU B 68 -28.19 -16.33 -15.90
N GLU B 69 -29.01 -16.34 -16.99
CA GLU B 69 -29.17 -17.51 -17.85
C GLU B 69 -27.89 -17.77 -18.67
N HIS B 70 -27.22 -16.71 -19.17
CA HIS B 70 -25.93 -16.81 -19.90
C HIS B 70 -24.88 -17.43 -18.98
N LEU B 71 -24.85 -17.01 -17.69
CA LEU B 71 -23.89 -17.52 -16.70
C LEU B 71 -24.15 -18.99 -16.33
N ALA B 72 -25.44 -19.34 -16.16
CA ALA B 72 -25.89 -20.69 -15.82
C ALA B 72 -25.57 -21.73 -16.90
N SER B 73 -25.55 -21.30 -18.18
CA SER B 73 -25.29 -22.18 -19.32
C SER B 73 -23.86 -22.14 -19.85
N LEU B 74 -23.04 -21.17 -19.38
CA LEU B 74 -21.68 -20.94 -19.85
C LEU B 74 -20.79 -22.19 -19.85
N ALA B 75 -20.64 -22.88 -18.71
CA ALA B 75 -19.82 -24.09 -18.57
C ALA B 75 -20.19 -25.15 -19.61
N GLY B 76 -21.49 -25.42 -19.76
CA GLY B 76 -22.03 -26.37 -20.72
C GLY B 76 -21.68 -26.01 -22.15
N ARG B 77 -21.83 -24.73 -22.51
CA ARG B 77 -21.54 -24.22 -23.85
C ARG B 77 -20.05 -24.26 -24.17
N VAL B 78 -19.18 -23.99 -23.16
CA VAL B 78 -17.72 -24.06 -23.32
C VAL B 78 -17.30 -25.53 -23.55
N THR B 79 -17.82 -26.45 -22.73
CA THR B 79 -17.56 -27.91 -22.81
C THR B 79 -17.92 -28.45 -24.20
N GLU B 80 -19.06 -28.00 -24.77
CA GLU B 80 -19.49 -28.37 -26.11
C GLU B 80 -18.48 -27.87 -27.16
N ALA B 81 -17.95 -26.64 -26.98
CA ALA B 81 -16.97 -26.03 -27.87
C ALA B 81 -15.59 -26.69 -27.83
N ILE B 82 -15.13 -27.15 -26.64
CA ILE B 82 -13.80 -27.77 -26.49
C ILE B 82 -13.83 -29.31 -26.50
N GLY B 83 -15.02 -29.90 -26.48
CA GLY B 83 -15.21 -31.35 -26.47
C GLY B 83 -15.33 -31.89 -25.07
N ALA B 84 -16.22 -32.88 -24.87
CA ALA B 84 -16.45 -33.54 -23.58
C ALA B 84 -15.17 -34.22 -23.09
N GLY B 85 -14.91 -34.11 -21.78
CA GLY B 85 -13.70 -34.67 -21.18
C GLY B 85 -12.51 -33.72 -21.18
N ASN B 86 -12.66 -32.56 -21.85
CA ASN B 86 -11.63 -31.53 -21.89
C ASN B 86 -12.05 -30.38 -20.99
N LYS B 87 -11.09 -29.77 -20.29
CA LYS B 87 -11.33 -28.64 -19.40
C LYS B 87 -10.47 -27.45 -19.79
N LEU B 88 -10.78 -26.27 -19.24
CA LEU B 88 -10.02 -25.04 -19.49
C LEU B 88 -8.79 -24.98 -18.60
N ASP B 89 -7.71 -24.37 -19.13
CA ASP B 89 -6.48 -24.11 -18.38
C ASP B 89 -6.40 -22.63 -18.01
N GLY B 90 -7.12 -21.79 -18.74
CA GLY B 90 -7.10 -20.35 -18.50
C GLY B 90 -8.40 -19.66 -18.79
N VAL B 91 -8.62 -18.54 -18.06
CA VAL B 91 -9.80 -17.69 -18.18
C VAL B 91 -9.31 -16.24 -18.12
N VAL B 92 -9.71 -15.44 -19.11
CA VAL B 92 -9.37 -14.00 -19.14
C VAL B 92 -10.65 -13.19 -19.04
N HIS B 93 -10.74 -12.34 -18.01
CA HIS B 93 -11.84 -11.41 -17.79
C HIS B 93 -11.30 -10.07 -18.25
N SER B 94 -11.78 -9.56 -19.39
CA SER B 94 -11.33 -8.24 -19.91
C SER B 94 -12.61 -7.45 -20.17
N ILE B 95 -13.43 -7.34 -19.12
CA ILE B 95 -14.74 -6.72 -19.15
C ILE B 95 -14.80 -5.56 -18.17
N GLY B 96 -15.32 -4.44 -18.65
CA GLY B 96 -15.51 -3.26 -17.84
C GLY B 96 -16.45 -2.29 -18.50
N PHE B 97 -17.25 -1.62 -17.67
CA PHE B 97 -18.18 -0.61 -18.13
C PHE B 97 -18.66 0.24 -16.97
N MET B 98 -18.75 1.54 -17.19
CA MET B 98 -19.33 2.47 -16.23
C MET B 98 -20.06 3.53 -17.06
N PRO B 99 -21.39 3.75 -16.88
CA PRO B 99 -22.07 4.79 -17.68
C PRO B 99 -21.41 6.16 -17.56
N GLN B 100 -21.58 7.02 -18.58
CA GLN B 100 -21.02 8.39 -18.65
C GLN B 100 -21.29 9.25 -17.40
N THR B 101 -22.43 8.99 -16.72
CA THR B 101 -22.80 9.69 -15.48
C THR B 101 -21.79 9.42 -14.34
N GLY B 102 -21.10 8.27 -14.39
CA GLY B 102 -20.12 7.88 -13.37
C GLY B 102 -18.68 7.87 -13.81
N MET B 103 -18.43 8.16 -15.10
CA MET B 103 -17.08 8.14 -15.69
C MET B 103 -17.07 9.12 -16.86
N GLY B 104 -16.38 10.24 -16.68
CA GLY B 104 -16.28 11.28 -17.70
C GLY B 104 -16.29 12.70 -17.14
N ILE B 105 -17.14 13.57 -17.73
CA ILE B 105 -17.29 14.98 -17.34
C ILE B 105 -18.29 15.19 -16.21
N ASN B 106 -19.24 14.25 -16.02
CA ASN B 106 -20.28 14.37 -15.00
C ASN B 106 -19.67 14.41 -13.60
N PRO B 107 -20.04 15.41 -12.75
CA PRO B 107 -19.48 15.47 -11.38
C PRO B 107 -19.66 14.16 -10.63
N PHE B 108 -18.65 13.77 -9.83
CA PHE B 108 -18.65 12.56 -9.01
C PHE B 108 -19.96 12.39 -8.22
N PHE B 109 -20.48 13.47 -7.63
CA PHE B 109 -21.71 13.47 -6.85
C PHE B 109 -22.99 13.35 -7.68
N ASP B 110 -22.91 13.55 -9.00
CA ASP B 110 -24.10 13.52 -9.86
C ASP B 110 -24.38 12.13 -10.50
N ALA B 111 -23.58 11.11 -10.17
CA ALA B 111 -23.81 9.75 -10.69
C ALA B 111 -24.94 9.09 -9.88
N PRO B 112 -26.09 8.74 -10.50
CA PRO B 112 -27.16 8.06 -9.71
C PRO B 112 -26.73 6.63 -9.37
N TYR B 113 -27.20 6.09 -8.24
CA TYR B 113 -26.79 4.75 -7.83
C TYR B 113 -27.09 3.66 -8.88
N ALA B 114 -28.23 3.74 -9.62
CA ALA B 114 -28.56 2.73 -10.64
C ALA B 114 -27.38 2.57 -11.64
N ASP B 115 -26.78 3.69 -12.07
CA ASP B 115 -25.65 3.70 -12.99
C ASP B 115 -24.38 3.14 -12.35
N VAL B 116 -24.07 3.57 -11.10
CA VAL B 116 -22.93 3.07 -10.33
C VAL B 116 -23.06 1.54 -10.14
N SER B 117 -24.26 1.05 -9.73
CA SER B 117 -24.55 -0.37 -9.51
C SER B 117 -24.35 -1.20 -10.78
N LYS B 118 -24.81 -0.69 -11.94
CA LYS B 118 -24.63 -1.39 -13.22
C LYS B 118 -23.13 -1.53 -13.51
N GLY B 119 -22.39 -0.44 -13.33
CA GLY B 119 -20.95 -0.38 -13.51
C GLY B 119 -20.20 -1.36 -12.64
N ILE B 120 -20.56 -1.45 -11.34
CA ILE B 120 -19.93 -2.37 -10.38
C ILE B 120 -20.27 -3.83 -10.73
N HIS B 121 -21.52 -4.09 -11.15
CA HIS B 121 -21.98 -5.42 -11.55
C HIS B 121 -21.09 -5.95 -12.70
N ILE B 122 -20.95 -5.17 -13.78
CA ILE B 122 -20.18 -5.53 -14.96
C ILE B 122 -18.68 -5.56 -14.70
N SER B 123 -18.16 -4.53 -14.00
CA SER B 123 -16.71 -4.36 -13.79
C SER B 123 -16.08 -5.14 -12.63
N ALA B 124 -16.86 -5.47 -11.58
CA ALA B 124 -16.28 -6.12 -10.39
C ALA B 124 -16.95 -7.43 -10.00
N TYR B 125 -18.27 -7.40 -9.77
CA TYR B 125 -19.03 -8.60 -9.37
C TYR B 125 -18.89 -9.70 -10.40
N SER B 126 -18.92 -9.36 -11.70
CA SER B 126 -18.79 -10.37 -12.78
C SER B 126 -17.50 -11.17 -12.77
N TYR B 127 -16.42 -10.67 -12.09
CA TYR B 127 -15.18 -11.43 -11.97
C TYR B 127 -15.46 -12.68 -11.12
N ALA B 128 -16.28 -12.53 -10.04
CA ALA B 128 -16.71 -13.64 -9.19
C ALA B 128 -17.69 -14.54 -9.98
N SER B 129 -18.62 -13.94 -10.75
CA SER B 129 -19.62 -14.70 -11.57
C SER B 129 -18.92 -15.64 -12.57
N MET B 130 -17.91 -15.12 -13.29
CA MET B 130 -17.16 -15.88 -14.26
C MET B 130 -16.39 -17.01 -13.59
N ALA B 131 -15.75 -16.75 -12.43
CA ALA B 131 -15.01 -17.76 -11.69
C ALA B 131 -15.96 -18.87 -11.19
N LYS B 132 -17.14 -18.50 -10.65
CA LYS B 132 -18.17 -19.44 -10.19
C LYS B 132 -18.58 -20.36 -11.33
N ALA B 133 -18.87 -19.79 -12.51
CA ALA B 133 -19.32 -20.56 -13.67
C ALA B 133 -18.25 -21.47 -14.27
N LEU B 134 -16.98 -21.00 -14.30
CA LEU B 134 -15.90 -21.72 -14.98
C LEU B 134 -14.96 -22.57 -14.11
N LEU B 135 -14.79 -22.28 -12.80
CA LEU B 135 -13.94 -23.15 -11.94
C LEU B 135 -14.31 -24.64 -12.02
N PRO B 136 -15.62 -25.06 -12.05
CA PRO B 136 -15.93 -26.49 -12.18
C PRO B 136 -15.42 -27.15 -13.46
N ILE B 137 -15.05 -26.34 -14.49
CA ILE B 137 -14.53 -26.86 -15.75
C ILE B 137 -13.08 -26.37 -15.99
N MET B 138 -12.30 -26.18 -14.90
CA MET B 138 -10.90 -25.81 -14.98
C MET B 138 -9.96 -26.88 -14.45
N ASN B 139 -8.81 -27.05 -15.12
CA ASN B 139 -7.80 -28.03 -14.70
C ASN B 139 -6.93 -27.51 -13.56
N PRO B 140 -6.37 -28.41 -12.69
CA PRO B 140 -5.37 -27.94 -11.70
C PRO B 140 -4.18 -27.33 -12.43
N GLY B 141 -3.59 -26.29 -11.85
CA GLY B 141 -2.51 -25.53 -12.46
C GLY B 141 -3.06 -24.41 -13.32
N GLY B 142 -4.38 -24.30 -13.36
CA GLY B 142 -5.13 -23.31 -14.12
C GLY B 142 -4.94 -21.89 -13.66
N SER B 143 -5.35 -20.91 -14.49
CA SER B 143 -5.13 -19.50 -14.18
C SER B 143 -6.28 -18.62 -14.64
N ILE B 144 -6.81 -17.78 -13.72
CA ILE B 144 -7.85 -16.79 -14.03
C ILE B 144 -7.17 -15.40 -13.95
N VAL B 145 -7.30 -14.59 -15.03
CA VAL B 145 -6.69 -13.26 -15.09
C VAL B 145 -7.77 -12.21 -15.38
N GLY B 146 -7.75 -11.11 -14.65
CA GLY B 146 -8.66 -10.00 -14.88
C GLY B 146 -7.87 -8.73 -15.16
N MET B 147 -8.52 -7.74 -15.81
CA MET B 147 -7.87 -6.46 -16.11
C MET B 147 -8.23 -5.41 -15.09
N ASP B 148 -7.20 -4.67 -14.65
CA ASP B 148 -7.35 -3.65 -13.62
C ASP B 148 -6.66 -2.36 -14.04
N PHE B 149 -7.08 -1.23 -13.42
CA PHE B 149 -6.43 0.07 -13.58
C PHE B 149 -6.19 0.53 -12.14
N ASP B 150 -4.90 0.72 -11.72
CA ASP B 150 -4.54 1.07 -10.35
C ASP B 150 -5.48 2.13 -9.71
N PRO B 151 -6.30 1.72 -8.71
CA PRO B 151 -7.24 2.65 -8.07
C PRO B 151 -6.81 3.10 -6.66
N SER B 152 -5.51 2.85 -6.28
CA SER B 152 -4.95 3.18 -4.96
C SER B 152 -5.06 4.66 -4.61
N ARG B 153 -5.05 5.51 -5.65
CA ARG B 153 -5.19 6.98 -5.51
C ARG B 153 -6.30 7.49 -6.41
N ALA B 154 -7.02 8.55 -5.99
CA ALA B 154 -8.07 9.13 -6.80
C ALA B 154 -7.44 9.95 -7.95
N MET B 155 -8.19 10.10 -9.03
CA MET B 155 -7.73 10.83 -10.21
C MET B 155 -8.92 11.46 -10.93
N PRO B 156 -8.69 12.51 -11.76
CA PRO B 156 -9.83 13.11 -12.49
C PRO B 156 -10.49 12.15 -13.49
N ALA B 157 -11.76 12.42 -13.82
CA ALA B 157 -12.63 11.76 -14.82
C ALA B 157 -13.00 10.29 -14.57
N TYR B 158 -12.04 9.43 -14.21
CA TYR B 158 -12.29 7.99 -14.00
C TYR B 158 -13.33 7.71 -12.91
N ASN B 159 -13.43 8.61 -11.91
CA ASN B 159 -14.39 8.61 -10.81
C ASN B 159 -14.94 7.22 -10.37
N TRP B 160 -16.22 6.91 -10.68
CA TRP B 160 -16.83 5.65 -10.22
C TRP B 160 -16.22 4.41 -10.86
N MET B 161 -15.55 4.52 -12.03
CA MET B 161 -14.85 3.35 -12.60
C MET B 161 -13.65 3.01 -11.68
N THR B 162 -13.02 4.03 -11.06
CA THR B 162 -11.92 3.83 -10.11
C THR B 162 -12.44 3.09 -8.87
N VAL B 163 -13.62 3.51 -8.37
CA VAL B 163 -14.31 2.86 -7.23
C VAL B 163 -14.59 1.37 -7.60
N ALA B 164 -15.07 1.11 -8.83
CA ALA B 164 -15.34 -0.24 -9.32
C ALA B 164 -14.04 -1.08 -9.35
N LYS B 165 -12.90 -0.48 -9.74
CA LYS B 165 -11.61 -1.19 -9.74
C LYS B 165 -11.12 -1.51 -8.32
N SER B 166 -11.38 -0.62 -7.35
CA SER B 166 -11.06 -0.89 -5.94
C SER B 166 -11.84 -2.13 -5.47
N ALA B 167 -13.15 -2.19 -5.84
CA ALA B 167 -14.01 -3.33 -5.53
C ALA B 167 -13.47 -4.61 -6.23
N LEU B 168 -13.06 -4.49 -7.51
CA LEU B 168 -12.50 -5.61 -8.28
C LEU B 168 -11.27 -6.25 -7.59
N GLU B 169 -10.34 -5.40 -7.12
CA GLU B 169 -9.14 -5.87 -6.43
C GLU B 169 -9.51 -6.69 -5.20
N SER B 170 -10.53 -6.25 -4.46
CA SER B 170 -11.01 -6.98 -3.29
C SER B 170 -11.65 -8.33 -3.70
N VAL B 171 -12.50 -8.32 -4.76
CA VAL B 171 -13.15 -9.50 -5.32
C VAL B 171 -12.09 -10.54 -5.71
N ASN B 172 -11.03 -10.11 -6.40
CA ASN B 172 -9.92 -10.98 -6.81
C ASN B 172 -9.31 -11.77 -5.64
N ARG B 173 -9.11 -11.12 -4.49
CA ARG B 173 -8.56 -11.77 -3.29
C ARG B 173 -9.47 -12.89 -2.77
N PHE B 174 -10.81 -12.67 -2.81
CA PHE B 174 -11.79 -13.69 -2.44
C PHE B 174 -11.90 -14.81 -3.47
N VAL B 175 -11.83 -14.45 -4.77
CA VAL B 175 -11.87 -15.43 -5.87
C VAL B 175 -10.68 -16.39 -5.70
N ALA B 176 -9.48 -15.87 -5.31
CA ALA B 176 -8.27 -16.68 -5.10
C ALA B 176 -8.50 -17.77 -4.04
N ARG B 177 -9.27 -17.45 -2.95
CA ARG B 177 -9.59 -18.41 -1.90
C ARG B 177 -10.38 -19.60 -2.50
N GLU B 178 -11.37 -19.30 -3.37
CA GLU B 178 -12.21 -20.32 -4.01
C GLU B 178 -11.42 -21.10 -5.06
N ALA B 179 -10.68 -20.38 -5.94
CA ALA B 179 -9.87 -20.98 -7.00
C ALA B 179 -8.81 -21.94 -6.46
N GLY B 180 -8.23 -21.60 -5.29
CA GLY B 180 -7.22 -22.43 -4.63
C GLY B 180 -7.63 -23.85 -4.37
N LYS B 181 -8.94 -24.07 -4.12
CA LYS B 181 -9.55 -25.39 -3.87
C LYS B 181 -9.44 -26.30 -5.11
N TYR B 182 -9.31 -25.70 -6.30
CA TYR B 182 -9.19 -26.36 -7.61
C TYR B 182 -7.76 -26.37 -8.14
N GLY B 183 -6.80 -25.86 -7.36
CA GLY B 183 -5.41 -25.73 -7.76
C GLY B 183 -5.25 -24.67 -8.84
N VAL B 184 -6.17 -23.69 -8.84
CA VAL B 184 -6.23 -22.60 -9.82
C VAL B 184 -5.84 -21.26 -9.16
N ARG B 185 -5.07 -20.43 -9.90
CA ARG B 185 -4.64 -19.12 -9.46
C ARG B 185 -5.61 -18.07 -9.98
N SER B 186 -5.70 -16.93 -9.28
CA SER B 186 -6.54 -15.82 -9.70
C SER B 186 -5.73 -14.53 -9.49
N ASN B 187 -5.51 -13.75 -10.56
CA ASN B 187 -4.72 -12.51 -10.46
C ASN B 187 -5.24 -11.42 -11.38
N LEU B 188 -4.85 -10.16 -11.10
CA LEU B 188 -5.23 -9.06 -11.97
C LEU B 188 -3.96 -8.46 -12.61
N VAL B 189 -4.10 -7.93 -13.83
CA VAL B 189 -3.03 -7.19 -14.47
C VAL B 189 -3.48 -5.72 -14.43
N ALA B 190 -2.72 -4.87 -13.70
CA ALA B 190 -3.01 -3.44 -13.65
C ALA B 190 -2.23 -2.79 -14.78
N ALA B 191 -2.96 -2.41 -15.83
CA ALA B 191 -2.34 -1.81 -17.01
C ALA B 191 -2.31 -0.30 -16.94
N GLY B 192 -1.39 0.29 -17.70
CA GLY B 192 -1.34 1.74 -17.86
C GLY B 192 -2.40 2.12 -18.88
N PRO B 193 -2.59 3.42 -19.21
CA PRO B 193 -3.66 3.78 -20.16
C PRO B 193 -3.42 3.26 -21.58
N ILE B 194 -4.47 2.70 -22.21
CA ILE B 194 -4.45 2.16 -23.57
C ILE B 194 -5.56 2.80 -24.38
N ARG B 195 -5.24 3.26 -25.60
CA ARG B 195 -6.19 3.91 -26.50
C ARG B 195 -7.21 2.92 -27.13
N THR B 196 -8.19 2.50 -26.32
CA THR B 196 -9.31 1.66 -26.76
C THR B 196 -10.47 2.61 -27.11
N LEU B 197 -11.61 2.08 -27.62
CA LEU B 197 -12.77 2.87 -28.05
C LEU B 197 -13.11 4.08 -27.14
N ALA B 198 -13.43 3.84 -25.84
CA ALA B 198 -13.81 4.91 -24.89
C ALA B 198 -12.68 5.91 -24.63
N MET B 199 -11.42 5.43 -24.54
CA MET B 199 -10.23 6.25 -24.31
C MET B 199 -9.95 7.18 -25.50
N SER B 200 -10.14 6.69 -26.73
CA SER B 200 -9.97 7.47 -27.95
C SER B 200 -11.05 8.58 -28.03
N ALA B 201 -12.29 8.26 -27.58
CA ALA B 201 -13.42 9.20 -27.54
C ALA B 201 -13.18 10.37 -26.59
N ILE B 202 -12.77 10.10 -25.31
CA ILE B 202 -12.51 11.16 -24.32
C ILE B 202 -11.37 12.10 -24.79
N VAL B 203 -10.26 11.53 -25.33
CA VAL B 203 -9.12 12.31 -25.86
C VAL B 203 -9.57 13.14 -27.09
N GLY B 204 -10.46 12.57 -27.89
CA GLY B 204 -11.02 13.20 -29.09
C GLY B 204 -11.97 14.36 -28.84
N GLY B 205 -12.42 14.54 -27.59
CA GLY B 205 -13.31 15.63 -27.21
C GLY B 205 -14.79 15.31 -27.08
N ALA B 206 -15.16 14.01 -27.06
CA ALA B 206 -16.55 13.54 -26.93
C ALA B 206 -17.24 13.99 -25.63
N GLY B 208 -16.12 17.01 -22.87
CA GLY B 208 -15.75 18.06 -23.81
C GLY B 208 -14.27 18.39 -23.79
N GLU B 209 -13.95 19.69 -23.66
CA GLU B 209 -12.58 20.20 -23.61
C GLU B 209 -11.84 19.91 -22.30
N GLU B 210 -12.50 20.16 -21.16
CA GLU B 210 -11.94 19.95 -19.81
C GLU B 210 -11.53 18.49 -19.55
N ALA B 211 -12.40 17.51 -19.87
CA ALA B 211 -12.12 16.08 -19.68
C ALA B 211 -10.97 15.62 -20.56
N GLY B 212 -11.02 16.03 -21.84
CA GLY B 212 -10.00 15.72 -22.85
C GLY B 212 -8.61 16.12 -22.39
N ALA B 213 -8.49 17.32 -21.80
CA ALA B 213 -7.25 17.89 -21.26
C ALA B 213 -6.75 17.11 -20.05
N GLN B 214 -7.68 16.68 -19.15
CA GLN B 214 -7.33 15.92 -17.95
C GLN B 214 -6.71 14.57 -18.32
N ILE B 215 -7.31 13.85 -19.30
CA ILE B 215 -6.84 12.53 -19.76
C ILE B 215 -5.50 12.67 -20.47
N GLN B 216 -5.33 13.75 -21.27
CA GLN B 216 -4.07 14.01 -21.98
C GLN B 216 -2.93 14.20 -20.95
N LEU B 217 -3.17 15.00 -19.90
CA LEU B 217 -2.21 15.27 -18.82
C LEU B 217 -1.83 13.99 -18.10
N LEU B 218 -2.85 13.13 -17.80
CA LEU B 218 -2.65 11.84 -17.15
C LEU B 218 -1.74 10.93 -17.97
N GLU B 219 -1.97 10.82 -19.30
CA GLU B 219 -1.20 10.00 -20.25
C GLU B 219 0.24 10.48 -20.39
N GLU B 220 0.43 11.81 -20.48
CA GLU B 220 1.77 12.40 -20.60
C GLU B 220 2.59 12.10 -19.34
N GLY B 221 1.97 12.29 -18.17
CA GLY B 221 2.59 12.04 -16.87
C GLY B 221 3.01 10.59 -16.70
N TRP B 222 2.19 9.68 -17.21
CA TRP B 222 2.42 8.24 -17.17
C TRP B 222 3.72 7.84 -17.89
N ASP B 223 3.88 8.30 -19.15
CA ASP B 223 5.09 8.05 -19.94
C ASP B 223 6.31 8.73 -19.28
N GLN B 224 6.12 9.93 -18.68
CA GLN B 224 7.17 10.66 -17.97
C GLN B 224 7.67 9.90 -16.73
N ARG B 225 6.74 9.43 -15.86
CA ARG B 225 7.03 8.71 -14.62
C ARG B 225 7.61 7.31 -14.84
N ALA B 226 7.13 6.59 -15.88
CA ALA B 226 7.57 5.23 -16.20
C ALA B 226 9.07 5.17 -16.52
N PRO B 227 9.91 4.48 -15.71
CA PRO B 227 11.36 4.42 -16.02
C PRO B 227 11.69 3.83 -17.38
N ILE B 228 10.81 2.95 -17.92
CA ILE B 228 11.00 2.34 -19.24
C ILE B 228 10.04 2.93 -20.29
N GLY B 229 9.37 4.02 -19.92
CA GLY B 229 8.40 4.72 -20.77
C GLY B 229 7.08 3.99 -20.87
N TRP B 230 6.10 4.62 -21.52
CA TRP B 230 4.78 4.04 -21.68
C TRP B 230 4.17 4.46 -23.01
N ASN B 231 3.83 3.46 -23.84
CA ASN B 231 3.19 3.70 -25.14
C ASN B 231 1.72 3.30 -25.06
N MET B 232 0.84 4.31 -24.93
CA MET B 232 -0.60 4.12 -24.83
C MET B 232 -1.25 3.58 -26.11
N LYS B 233 -0.52 3.60 -27.24
CA LYS B 233 -1.01 3.09 -28.51
C LYS B 233 -0.67 1.60 -28.68
N ASP B 234 0.10 1.01 -27.74
CA ASP B 234 0.58 -0.37 -27.85
C ASP B 234 0.12 -1.28 -26.70
N ALA B 235 -0.85 -2.17 -26.98
CA ALA B 235 -1.37 -3.10 -25.98
C ALA B 235 -0.54 -4.39 -25.84
N THR B 236 0.43 -4.64 -26.74
CA THR B 236 1.26 -5.86 -26.73
C THR B 236 1.97 -6.10 -25.36
N PRO B 237 2.64 -5.11 -24.71
CA PRO B 237 3.26 -5.41 -23.40
C PRO B 237 2.25 -5.89 -22.34
N VAL B 238 0.99 -5.37 -22.42
CA VAL B 238 -0.10 -5.76 -21.53
C VAL B 238 -0.54 -7.22 -21.85
N ALA B 239 -0.74 -7.54 -23.16
CA ALA B 239 -1.11 -8.89 -23.60
C ALA B 239 -0.04 -9.92 -23.21
N LYS B 240 1.25 -9.56 -23.34
CA LYS B 240 2.35 -10.45 -22.95
C LYS B 240 2.30 -10.78 -21.44
N THR B 241 2.03 -9.75 -20.60
CA THR B 241 1.91 -9.89 -19.15
C THR B 241 0.78 -10.85 -18.76
N VAL B 242 -0.41 -10.71 -19.41
CA VAL B 242 -1.55 -11.60 -19.19
C VAL B 242 -1.13 -13.05 -19.53
N CYS B 243 -0.44 -13.23 -20.68
CA CYS B 243 0.05 -14.54 -21.10
C CYS B 243 1.05 -15.14 -20.10
N ALA B 244 1.91 -14.28 -19.48
CA ALA B 244 2.85 -14.74 -18.45
C ALA B 244 2.07 -15.35 -17.27
N LEU B 245 0.98 -14.69 -16.83
CA LEU B 245 0.14 -15.20 -15.75
C LEU B 245 -0.65 -16.46 -16.15
N LEU B 246 -1.00 -16.59 -17.44
CA LEU B 246 -1.71 -17.78 -17.96
C LEU B 246 -0.77 -18.99 -18.07
N SER B 247 0.55 -18.74 -18.14
CA SER B 247 1.58 -19.76 -18.26
C SER B 247 1.88 -20.47 -16.93
N ASP B 248 2.82 -21.41 -16.95
CA ASP B 248 3.25 -22.16 -15.76
C ASP B 248 4.42 -21.46 -15.06
N TRP B 249 4.78 -20.22 -15.49
CA TRP B 249 5.98 -19.53 -14.99
C TRP B 249 5.77 -18.62 -13.77
N LEU B 250 4.52 -18.46 -13.29
CA LEU B 250 4.25 -17.71 -12.05
C LEU B 250 3.36 -18.65 -11.19
N PRO B 251 3.88 -19.83 -10.79
CA PRO B 251 3.02 -20.84 -10.15
C PRO B 251 2.69 -20.63 -8.67
N ALA B 252 3.36 -19.68 -8.01
CA ALA B 252 3.14 -19.40 -6.59
C ALA B 252 2.53 -18.00 -6.37
N THR B 253 1.93 -17.41 -7.43
CA THR B 253 1.30 -16.08 -7.37
C THR B 253 -0.22 -16.20 -7.48
N THR B 254 -0.96 -15.76 -6.45
CA THR B 254 -2.43 -15.78 -6.48
C THR B 254 -3.03 -14.68 -5.56
N GLY B 255 -4.26 -14.26 -5.90
CA GLY B 255 -4.99 -13.17 -5.25
C GLY B 255 -4.24 -11.85 -5.35
N ASP B 256 -3.36 -11.75 -6.36
CA ASP B 256 -2.41 -10.65 -6.53
C ASP B 256 -2.65 -9.76 -7.73
N ILE B 257 -1.82 -8.69 -7.82
CA ILE B 257 -1.86 -7.70 -8.89
C ILE B 257 -0.45 -7.56 -9.47
N ILE B 258 -0.34 -7.75 -10.79
CA ILE B 258 0.92 -7.57 -11.54
C ILE B 258 0.73 -6.28 -12.31
N TYR B 259 1.68 -5.35 -12.20
CA TYR B 259 1.58 -4.06 -12.85
C TYR B 259 2.30 -4.03 -14.20
N ALA B 260 1.54 -3.89 -15.30
CA ALA B 260 2.09 -3.74 -16.66
C ALA B 260 1.82 -2.27 -17.01
N ASP B 261 2.59 -1.36 -16.39
CA ASP B 261 2.37 0.09 -16.51
C ASP B 261 3.66 0.90 -16.75
N GLY B 262 4.72 0.23 -17.20
CA GLY B 262 6.02 0.86 -17.44
C GLY B 262 6.74 1.21 -16.15
N GLY B 263 6.18 0.76 -15.03
CA GLY B 263 6.68 1.02 -13.68
C GLY B 263 6.27 2.38 -13.16
N ALA B 264 5.31 3.02 -13.83
CA ALA B 264 4.87 4.38 -13.47
C ALA B 264 4.37 4.52 -12.01
N HIS B 265 3.64 3.50 -11.50
CA HIS B 265 3.07 3.51 -10.14
C HIS B 265 4.13 3.46 -9.02
N THR B 266 5.39 3.16 -9.35
CA THR B 266 6.50 3.06 -8.40
C THR B 266 7.30 4.36 -8.27
N GLN B 267 6.92 5.41 -9.05
CA GLN B 267 7.64 6.68 -9.11
C GLN B 267 6.69 7.84 -8.82
N LEU B 268 7.13 8.79 -8.00
CA LEU B 268 6.29 9.96 -7.67
C LEU B 268 6.38 11.01 -8.78
N LEU B 269 7.62 11.35 -9.17
CA LEU B 269 7.97 12.30 -10.23
C LEU B 269 9.11 11.74 -11.09
N THR C 2 14.62 -25.68 -26.91
CA THR C 2 13.75 -24.49 -27.06
C THR C 2 13.09 -24.12 -25.69
N GLY C 3 13.74 -23.18 -24.99
CA GLY C 3 13.33 -22.74 -23.67
C GLY C 3 12.97 -21.28 -23.51
N LEU C 4 12.51 -20.93 -22.30
CA LEU C 4 12.07 -19.58 -21.93
C LEU C 4 13.19 -18.54 -22.05
N LEU C 5 14.45 -18.94 -21.78
CA LEU C 5 15.58 -18.03 -21.79
C LEU C 5 16.65 -18.40 -22.82
N ASP C 6 16.23 -19.00 -23.95
CA ASP C 6 17.11 -19.42 -25.04
C ASP C 6 18.03 -18.32 -25.52
N GLY C 7 19.33 -18.59 -25.46
CA GLY C 7 20.38 -17.67 -25.87
C GLY C 7 20.67 -16.48 -24.97
N LYS C 8 19.93 -16.34 -23.84
CA LYS C 8 20.16 -15.23 -22.91
C LYS C 8 21.41 -15.44 -22.05
N ARG C 9 22.19 -14.38 -21.83
CA ARG C 9 23.40 -14.43 -20.99
C ARG C 9 23.04 -13.84 -19.63
N ILE C 10 23.09 -14.65 -18.58
CA ILE C 10 22.61 -14.22 -17.26
C ILE C 10 23.62 -14.46 -16.15
N LEU C 11 23.85 -13.43 -15.32
CA LEU C 11 24.72 -13.52 -14.16
C LEU C 11 23.87 -13.90 -12.95
N VAL C 12 24.30 -14.94 -12.22
CA VAL C 12 23.59 -15.39 -11.01
C VAL C 12 24.55 -15.37 -9.81
N SER C 13 24.22 -14.54 -8.81
CA SER C 13 24.99 -14.42 -7.57
C SER C 13 24.26 -15.19 -6.45
N GLY C 14 24.94 -15.48 -5.35
CA GLY C 14 24.29 -16.04 -4.17
C GLY C 14 24.27 -17.53 -3.92
N ILE C 15 24.98 -18.31 -4.75
CA ILE C 15 25.06 -19.76 -4.50
C ILE C 15 26.10 -19.97 -3.38
N ILE C 16 25.69 -20.65 -2.29
CA ILE C 16 26.58 -21.10 -1.21
C ILE C 16 26.43 -22.64 -1.04
N THR C 17 25.18 -23.13 -1.03
CA THR C 17 24.89 -24.57 -0.93
C THR C 17 23.90 -24.95 -2.05
N ASP C 18 23.63 -26.27 -2.23
CA ASP C 18 22.65 -26.71 -3.22
C ASP C 18 21.20 -26.45 -2.78
N SER C 19 21.02 -25.92 -1.56
CA SER C 19 19.70 -25.52 -1.04
C SER C 19 19.49 -24.01 -1.26
N SER C 20 20.57 -23.25 -1.62
CA SER C 20 20.45 -21.81 -1.88
C SER C 20 19.40 -21.54 -2.97
N ILE C 21 18.60 -20.49 -2.79
CA ILE C 21 17.60 -20.10 -3.79
C ILE C 21 18.32 -19.86 -5.14
N ALA C 22 19.53 -19.27 -5.13
CA ALA C 22 20.32 -19.02 -6.34
C ALA C 22 20.69 -20.31 -7.08
N PHE C 23 20.91 -21.41 -6.35
CA PHE C 23 21.21 -22.70 -6.98
C PHE C 23 20.02 -23.13 -7.86
N HIS C 24 18.81 -23.03 -7.32
CA HIS C 24 17.56 -23.38 -8.02
C HIS C 24 17.28 -22.43 -9.16
N ILE C 25 17.55 -21.10 -9.00
CA ILE C 25 17.40 -20.10 -10.06
C ILE C 25 18.33 -20.50 -11.20
N ALA C 26 19.62 -20.75 -10.88
CA ALA C 26 20.65 -21.15 -11.86
C ALA C 26 20.24 -22.43 -12.61
N ARG C 27 19.77 -23.46 -11.87
CA ARG C 27 19.33 -24.73 -12.43
C ARG C 27 18.18 -24.56 -13.43
N VAL C 28 17.10 -23.85 -13.04
CA VAL C 28 15.94 -23.61 -13.90
C VAL C 28 16.33 -22.77 -15.14
N ALA C 29 17.16 -21.73 -14.96
CA ALA C 29 17.63 -20.89 -16.07
C ALA C 29 18.38 -21.71 -17.13
N GLN C 30 19.27 -22.64 -16.70
CA GLN C 30 20.02 -23.52 -17.60
C GLN C 30 19.09 -24.52 -18.32
N GLU C 31 18.07 -25.05 -17.60
CA GLU C 31 17.06 -25.94 -18.16
C GLU C 31 16.30 -25.20 -19.27
N GLN C 32 16.18 -23.87 -19.13
CA GLN C 32 15.48 -23.01 -20.08
C GLN C 32 16.37 -22.35 -21.14
N GLY C 33 17.58 -22.87 -21.32
CA GLY C 33 18.50 -22.45 -22.37
C GLY C 33 19.41 -21.27 -22.11
N ALA C 34 19.44 -20.74 -20.89
CA ALA C 34 20.30 -19.58 -20.57
C ALA C 34 21.77 -19.99 -20.43
N GLN C 35 22.67 -19.07 -20.79
CA GLN C 35 24.12 -19.23 -20.66
C GLN C 35 24.49 -18.42 -19.40
N LEU C 36 24.94 -19.09 -18.33
CA LEU C 36 25.22 -18.40 -17.07
C LEU C 36 26.68 -18.03 -16.79
N VAL C 37 26.84 -17.03 -15.90
CA VAL C 37 28.06 -16.55 -15.28
C VAL C 37 27.69 -16.51 -13.80
N LEU C 38 28.47 -17.17 -12.95
CA LEU C 38 28.15 -17.26 -11.53
C LEU C 38 29.10 -16.47 -10.65
N THR C 39 28.58 -15.86 -9.57
CA THR C 39 29.44 -15.15 -8.62
C THR C 39 29.28 -15.77 -7.25
N GLY C 40 30.38 -15.87 -6.53
CA GLY C 40 30.42 -16.44 -5.20
C GLY C 40 31.22 -15.65 -4.21
N PHE C 41 30.96 -15.88 -2.92
CA PHE C 41 31.61 -15.15 -1.82
C PHE C 41 32.39 -16.06 -0.89
N ASP C 42 33.64 -15.64 -0.61
CA ASP C 42 34.58 -16.17 0.35
C ASP C 42 35.05 -17.60 0.04
N ARG C 43 34.19 -18.62 0.28
CA ARG C 43 34.53 -20.04 0.09
C ARG C 43 34.32 -20.51 -1.36
N LEU C 44 35.14 -19.97 -2.28
CA LEU C 44 35.03 -20.24 -3.72
C LEU C 44 35.29 -21.69 -4.12
N ARG C 45 36.24 -22.38 -3.45
CA ARG C 45 36.53 -23.80 -3.72
C ARG C 45 35.29 -24.65 -3.37
N LEU C 46 34.69 -24.40 -2.19
CA LEU C 46 33.48 -25.06 -1.72
C LEU C 46 32.29 -24.73 -2.65
N ILE C 47 32.21 -23.47 -3.17
CA ILE C 47 31.12 -23.07 -4.08
C ILE C 47 31.27 -23.75 -5.46
N GLN C 48 32.51 -23.84 -5.97
CA GLN C 48 32.76 -24.46 -7.27
C GLN C 48 32.29 -25.93 -7.27
N ARG C 49 32.46 -26.64 -6.12
CA ARG C 49 32.03 -28.04 -5.94
C ARG C 49 30.50 -28.13 -6.00
N ILE C 50 29.79 -27.10 -5.49
CA ILE C 50 28.33 -27.01 -5.51
C ILE C 50 27.85 -26.73 -6.94
N THR C 51 28.47 -25.74 -7.62
CA THR C 51 28.08 -25.35 -8.99
C THR C 51 28.38 -26.44 -10.03
N ASP C 52 29.28 -27.39 -9.70
CA ASP C 52 29.58 -28.57 -10.54
C ASP C 52 28.35 -29.49 -10.62
N ARG C 53 27.41 -29.34 -9.66
CA ARG C 53 26.16 -30.12 -9.59
C ARG C 53 25.07 -29.55 -10.51
N LEU C 54 25.30 -28.36 -11.10
CA LEU C 54 24.34 -27.76 -12.03
C LEU C 54 24.33 -28.52 -13.37
N PRO C 55 23.21 -28.50 -14.15
CA PRO C 55 23.17 -29.28 -15.41
C PRO C 55 24.19 -28.89 -16.48
N ALA C 56 24.69 -27.64 -16.47
CA ALA C 56 25.66 -27.15 -17.45
C ALA C 56 26.81 -26.39 -16.80
N LYS C 57 27.97 -26.34 -17.51
CA LYS C 57 29.17 -25.62 -17.06
C LYS C 57 28.90 -24.12 -17.07
N ALA C 58 29.50 -23.41 -16.10
CA ALA C 58 29.40 -21.97 -15.99
C ALA C 58 30.61 -21.41 -15.28
N PRO C 59 31.25 -20.35 -15.82
CA PRO C 59 32.39 -19.74 -15.12
C PRO C 59 31.96 -19.15 -13.77
N LEU C 60 32.80 -19.32 -12.74
CA LEU C 60 32.54 -18.82 -11.39
C LEU C 60 33.56 -17.71 -11.08
N LEU C 61 33.04 -16.52 -10.74
CA LEU C 61 33.85 -15.32 -10.43
C LEU C 61 33.71 -14.94 -8.97
N GLU C 62 34.78 -14.48 -8.34
CA GLU C 62 34.70 -14.09 -6.94
C GLU C 62 34.04 -12.70 -6.87
N LEU C 63 33.12 -12.54 -5.91
CA LEU C 63 32.49 -11.22 -5.66
C LEU C 63 32.02 -11.09 -4.23
N ASP C 64 32.73 -10.24 -3.47
CA ASP C 64 32.38 -9.84 -2.12
C ASP C 64 31.81 -8.43 -2.37
N VAL C 65 30.50 -8.26 -2.18
CA VAL C 65 29.83 -6.97 -2.42
C VAL C 65 30.35 -5.83 -1.51
N GLN C 66 31.06 -6.17 -0.42
CA GLN C 66 31.66 -5.19 0.51
C GLN C 66 33.05 -4.76 0.05
N ASN C 67 33.55 -5.38 -1.02
CA ASN C 67 34.87 -5.14 -1.58
C ASN C 67 34.77 -4.25 -2.82
N GLU C 68 35.18 -2.98 -2.69
CA GLU C 68 35.12 -2.00 -3.78
C GLU C 68 35.95 -2.38 -5.00
N GLU C 69 37.07 -3.08 -4.80
CA GLU C 69 37.93 -3.55 -5.91
C GLU C 69 37.22 -4.62 -6.72
N HIS C 70 36.47 -5.53 -6.04
CA HIS C 70 35.71 -6.61 -6.69
C HIS C 70 34.64 -5.98 -7.58
N LEU C 71 33.96 -4.94 -7.07
CA LEU C 71 32.92 -4.24 -7.80
C LEU C 71 33.47 -3.49 -9.01
N ALA C 72 34.60 -2.78 -8.84
CA ALA C 72 35.29 -2.02 -9.89
C ALA C 72 35.76 -2.88 -11.05
N SER C 73 36.12 -4.16 -10.79
CA SER C 73 36.64 -5.08 -11.81
C SER C 73 35.60 -6.05 -12.37
N LEU C 74 34.40 -6.11 -11.74
CA LEU C 74 33.35 -7.06 -12.10
C LEU C 74 32.97 -7.07 -13.59
N ALA C 75 32.61 -5.91 -14.17
CA ALA C 75 32.22 -5.80 -15.59
C ALA C 75 33.30 -6.37 -16.52
N GLY C 76 34.57 -6.00 -16.27
CA GLY C 76 35.72 -6.48 -17.02
C GLY C 76 35.87 -8.00 -16.96
N ARG C 77 35.72 -8.56 -15.75
CA ARG C 77 35.82 -10.01 -15.52
C ARG C 77 34.67 -10.78 -16.15
N VAL C 78 33.45 -10.20 -16.15
CA VAL C 78 32.28 -10.84 -16.78
C VAL C 78 32.47 -10.85 -18.31
N THR C 79 32.91 -9.70 -18.90
CA THR C 79 33.18 -9.54 -20.34
C THR C 79 34.20 -10.57 -20.82
N GLU C 80 35.26 -10.82 -20.02
CA GLU C 80 36.29 -11.82 -20.32
C GLU C 80 35.66 -13.22 -20.33
N ALA C 81 34.73 -13.51 -19.39
CA ALA C 81 34.04 -14.80 -19.29
C ALA C 81 33.04 -15.07 -20.43
N ILE C 82 32.31 -14.02 -20.90
CA ILE C 82 31.30 -14.20 -21.97
C ILE C 82 31.82 -13.86 -23.38
N GLY C 83 33.04 -13.33 -23.47
CA GLY C 83 33.67 -12.95 -24.72
C GLY C 83 33.41 -11.50 -25.08
N ALA C 84 34.44 -10.83 -25.64
CA ALA C 84 34.36 -9.42 -26.04
C ALA C 84 33.28 -9.21 -27.09
N GLY C 85 32.53 -8.12 -26.97
CA GLY C 85 31.44 -7.82 -27.89
C GLY C 85 30.11 -8.41 -27.47
N ASN C 86 30.09 -9.25 -26.41
CA ASN C 86 28.88 -9.85 -25.85
C ASN C 86 28.52 -9.13 -24.56
N LYS C 87 27.21 -8.95 -24.31
CA LYS C 87 26.69 -8.30 -23.11
C LYS C 87 25.71 -9.21 -22.37
N LEU C 88 25.39 -8.87 -21.11
CA LEU C 88 24.44 -9.64 -20.31
C LEU C 88 23.01 -9.23 -20.64
N ASP C 89 22.09 -10.19 -20.53
CA ASP C 89 20.65 -9.97 -20.71
C ASP C 89 19.95 -9.99 -19.35
N GLY C 90 20.59 -10.61 -18.36
CA GLY C 90 20.02 -10.74 -17.04
C GLY C 90 21.02 -10.75 -15.92
N VAL C 91 20.59 -10.29 -14.75
CA VAL C 91 21.37 -10.21 -13.52
C VAL C 91 20.46 -10.67 -12.37
N VAL C 92 20.93 -11.62 -11.55
CA VAL C 92 20.19 -12.08 -10.39
C VAL C 92 21.00 -11.78 -9.12
N HIS C 93 20.40 -10.97 -8.21
CA HIS C 93 20.98 -10.63 -6.91
C HIS C 93 20.25 -11.56 -5.93
N SER C 94 20.94 -12.56 -5.37
CA SER C 94 20.35 -13.48 -4.40
C SER C 94 21.28 -13.49 -3.19
N ILE C 95 21.55 -12.29 -2.69
CA ILE C 95 22.50 -12.03 -1.61
C ILE C 95 21.80 -11.40 -0.42
N GLY C 96 22.09 -11.91 0.76
CA GLY C 96 21.55 -11.39 2.00
C GLY C 96 22.31 -11.90 3.20
N PHE C 97 22.47 -11.04 4.20
CA PHE C 97 23.13 -11.37 5.46
C PHE C 97 22.80 -10.34 6.53
N MET C 98 22.55 -10.81 7.75
CA MET C 98 22.37 -9.95 8.91
C MET C 98 22.99 -10.72 10.08
N PRO C 99 23.99 -10.17 10.81
CA PRO C 99 24.56 -10.92 11.96
C PRO C 99 23.48 -11.33 12.98
N GLN C 100 23.75 -12.42 13.73
CA GLN C 100 22.84 -13.00 14.75
C GLN C 100 22.30 -11.97 15.76
N THR C 101 23.09 -10.91 16.03
CA THR C 101 22.73 -9.81 16.94
C THR C 101 21.49 -9.03 16.44
N GLY C 102 21.21 -9.06 15.12
CA GLY C 102 20.08 -8.36 14.53
C GLY C 102 19.03 -9.25 13.89
N MET C 103 19.31 -10.57 13.81
CA MET C 103 18.42 -11.55 13.22
C MET C 103 18.51 -12.82 14.07
N GLY C 104 17.44 -13.13 14.80
CA GLY C 104 17.39 -14.32 15.64
C GLY C 104 16.73 -14.12 16.99
N ILE C 105 17.39 -14.60 18.06
CA ILE C 105 16.88 -14.51 19.44
C ILE C 105 17.28 -13.24 20.15
N ASN C 106 18.34 -12.54 19.66
CA ASN C 106 18.82 -11.31 20.29
C ASN C 106 17.75 -10.21 20.24
N PRO C 107 17.43 -9.54 21.38
CA PRO C 107 16.42 -8.48 21.36
C PRO C 107 16.72 -7.41 20.31
N PHE C 108 15.68 -6.90 19.64
CA PHE C 108 15.75 -5.87 18.61
C PHE C 108 16.65 -4.69 19.04
N PHE C 109 16.53 -4.26 20.31
CA PHE C 109 17.30 -3.15 20.88
C PHE C 109 18.76 -3.47 21.17
N ASP C 110 19.13 -4.76 21.18
CA ASP C 110 20.50 -5.15 21.51
C ASP C 110 21.43 -5.31 20.29
N ALA C 111 20.94 -5.02 19.08
CA ALA C 111 21.76 -5.10 17.88
C ALA C 111 22.64 -3.82 17.78
N PRO C 112 23.98 -3.93 17.80
CA PRO C 112 24.82 -2.72 17.64
C PRO C 112 24.77 -2.21 16.20
N TYR C 113 24.93 -0.87 16.00
CA TYR C 113 24.84 -0.34 14.64
C TYR C 113 25.87 -0.95 13.66
N ALA C 114 27.09 -1.31 14.11
CA ALA C 114 28.09 -1.90 13.21
C ALA C 114 27.51 -3.17 12.52
N ASP C 115 26.76 -3.99 13.28
CA ASP C 115 26.13 -5.20 12.75
C ASP C 115 24.99 -4.88 11.81
N VAL C 116 24.11 -3.89 12.16
CA VAL C 116 23.00 -3.45 11.32
C VAL C 116 23.55 -2.89 10.00
N SER C 117 24.60 -2.06 10.08
CA SER C 117 25.23 -1.44 8.91
C SER C 117 25.82 -2.48 7.96
N LYS C 118 26.52 -3.50 8.50
CA LYS C 118 27.04 -4.60 7.67
C LYS C 118 25.89 -5.32 6.95
N GLY C 119 24.82 -5.62 7.69
CA GLY C 119 23.64 -6.30 7.18
C GLY C 119 22.97 -5.53 6.05
N ILE C 120 22.81 -4.19 6.24
CA ILE C 120 22.19 -3.33 5.24
C ILE C 120 23.09 -3.19 4.00
N HIS C 121 24.41 -3.08 4.20
CA HIS C 121 25.39 -3.01 3.11
C HIS C 121 25.24 -4.23 2.18
N ILE C 122 25.28 -5.43 2.75
CA ILE C 122 25.21 -6.70 2.01
C ILE C 122 23.83 -6.95 1.43
N SER C 123 22.75 -6.71 2.22
CA SER C 123 21.38 -7.04 1.84
C SER C 123 20.63 -6.00 1.00
N ALA C 124 20.98 -4.70 1.11
CA ALA C 124 20.24 -3.66 0.39
C ALA C 124 21.09 -2.78 -0.53
N TYR C 125 22.13 -2.16 0.03
CA TYR C 125 23.02 -1.27 -0.73
C TYR C 125 23.64 -2.00 -1.91
N SER C 126 24.04 -3.29 -1.72
CA SER C 126 24.67 -4.06 -2.78
C SER C 126 23.80 -4.28 -4.01
N TYR C 127 22.44 -4.11 -3.88
CA TYR C 127 21.58 -4.24 -5.07
C TYR C 127 21.93 -3.08 -6.03
N ALA C 128 22.12 -1.84 -5.47
CA ALA C 128 22.57 -0.69 -6.25
C ALA C 128 24.00 -0.91 -6.77
N SER C 129 24.91 -1.44 -5.93
CA SER C 129 26.32 -1.70 -6.33
C SER C 129 26.42 -2.62 -7.55
N MET C 130 25.63 -3.71 -7.54
CA MET C 130 25.61 -4.68 -8.62
C MET C 130 25.06 -4.05 -9.90
N ALA C 131 23.98 -3.24 -9.79
CA ALA C 131 23.39 -2.57 -10.93
C ALA C 131 24.38 -1.56 -11.53
N LYS C 132 25.08 -0.77 -10.68
CA LYS C 132 26.09 0.21 -11.11
C LYS C 132 27.20 -0.51 -11.91
N ALA C 133 27.68 -1.63 -11.38
CA ALA C 133 28.77 -2.38 -12.02
C ALA C 133 28.35 -3.05 -13.33
N LEU C 134 27.12 -3.58 -13.40
CA LEU C 134 26.69 -4.39 -14.54
C LEU C 134 25.83 -3.69 -15.60
N LEU C 135 25.07 -2.61 -15.28
CA LEU C 135 24.31 -1.90 -16.31
C LEU C 135 25.14 -1.49 -17.56
N PRO C 136 26.42 -1.00 -17.44
CA PRO C 136 27.21 -0.68 -18.66
C PRO C 136 27.47 -1.87 -19.58
N ILE C 137 27.29 -3.12 -19.08
CA ILE C 137 27.49 -4.33 -19.88
C ILE C 137 26.16 -5.12 -20.03
N MET C 138 25.02 -4.41 -20.04
CA MET C 138 23.70 -5.03 -20.24
C MET C 138 23.04 -4.60 -21.54
N ASN C 139 22.35 -5.55 -22.21
CA ASN C 139 21.64 -5.27 -23.45
C ASN C 139 20.27 -4.61 -23.20
N PRO C 140 19.74 -3.78 -24.16
CA PRO C 140 18.36 -3.31 -24.02
C PRO C 140 17.41 -4.51 -23.98
N GLY C 141 16.34 -4.40 -23.20
CA GLY C 141 15.40 -5.48 -22.99
C GLY C 141 15.84 -6.36 -21.82
N GLY C 142 16.97 -5.99 -21.21
CA GLY C 142 17.59 -6.66 -20.07
C GLY C 142 16.76 -6.64 -18.81
N SER C 143 17.13 -7.50 -17.85
CA SER C 143 16.37 -7.62 -16.61
C SER C 143 17.24 -7.89 -15.38
N ILE C 144 17.07 -7.08 -14.32
CA ILE C 144 17.77 -7.25 -13.04
C ILE C 144 16.72 -7.73 -12.03
N VAL C 145 16.99 -8.86 -11.36
CA VAL C 145 16.06 -9.41 -10.36
C VAL C 145 16.79 -9.57 -9.01
N GLY C 146 16.13 -9.18 -7.94
CA GLY C 146 16.64 -9.36 -6.59
C GLY C 146 15.66 -10.14 -5.73
N MET C 147 16.15 -10.76 -4.65
CA MET C 147 15.32 -11.52 -3.74
C MET C 147 14.89 -10.72 -2.53
N ASP C 148 13.60 -10.82 -2.19
CA ASP C 148 12.97 -10.06 -1.12
C ASP C 148 12.12 -10.98 -0.22
N PHE C 149 11.83 -10.53 1.00
CA PHE C 149 10.92 -11.19 1.96
C PHE C 149 10.02 -10.05 2.43
N ASP C 150 8.69 -10.11 2.15
CA ASP C 150 7.75 -9.03 2.47
C ASP C 150 7.96 -8.41 3.86
N PRO C 151 8.42 -7.13 3.90
CA PRO C 151 8.71 -6.46 5.17
C PRO C 151 7.67 -5.38 5.55
N SER C 152 6.50 -5.37 4.87
CA SER C 152 5.44 -4.37 5.10
C SER C 152 4.86 -4.39 6.51
N ARG C 153 4.99 -5.51 7.20
CA ARG C 153 4.57 -5.70 8.58
C ARG C 153 5.71 -6.27 9.42
N ALA C 154 5.83 -5.88 10.69
CA ALA C 154 6.88 -6.44 11.57
C ALA C 154 6.49 -7.88 11.96
N MET C 155 7.48 -8.69 12.28
CA MET C 155 7.28 -10.08 12.66
C MET C 155 8.33 -10.52 13.67
N PRO C 156 8.11 -11.59 14.46
CA PRO C 156 9.16 -12.03 15.40
C PRO C 156 10.45 -12.49 14.69
N ALA C 157 11.58 -12.43 15.40
CA ALA C 157 12.93 -12.92 15.05
C ALA C 157 13.62 -12.27 13.83
N TYR C 158 12.94 -12.07 12.68
CA TYR C 158 13.63 -11.51 11.51
C TYR C 158 14.14 -10.06 11.68
N ASN C 159 13.70 -9.36 12.75
CA ASN C 159 14.01 -8.02 13.21
C ASN C 159 14.73 -7.13 12.19
N TRP C 160 16.06 -6.95 12.34
CA TRP C 160 16.82 -6.06 11.47
C TRP C 160 16.94 -6.55 10.03
N MET C 161 16.83 -7.88 9.76
CA MET C 161 16.83 -8.30 8.36
C MET C 161 15.56 -7.76 7.65
N THR C 162 14.41 -7.69 8.37
CA THR C 162 13.15 -7.11 7.84
C THR C 162 13.38 -5.61 7.50
N VAL C 163 14.09 -4.90 8.36
CA VAL C 163 14.45 -3.48 8.14
C VAL C 163 15.32 -3.39 6.86
N ALA C 164 16.30 -4.31 6.69
CA ALA C 164 17.16 -4.36 5.51
C ALA C 164 16.31 -4.59 4.24
N LYS C 165 15.27 -5.48 4.31
CA LYS C 165 14.36 -5.72 3.16
C LYS C 165 13.53 -4.48 2.81
N SER C 166 13.06 -3.73 3.83
CA SER C 166 12.35 -2.47 3.59
C SER C 166 13.26 -1.51 2.80
N ALA C 167 14.54 -1.40 3.21
CA ALA C 167 15.53 -0.58 2.52
C ALA C 167 15.73 -1.09 1.08
N LEU C 168 15.83 -2.44 0.90
CA LEU C 168 16.01 -3.06 -0.42
C LEU C 168 14.89 -2.67 -1.39
N GLU C 169 13.62 -2.74 -0.93
CA GLU C 169 12.47 -2.40 -1.77
C GLU C 169 12.59 -0.94 -2.27
N SER C 170 13.03 -0.05 -1.39
CA SER C 170 13.25 1.37 -1.77
C SER C 170 14.39 1.48 -2.81
N VAL C 171 15.53 0.80 -2.55
CA VAL C 171 16.68 0.75 -3.45
C VAL C 171 16.25 0.30 -4.86
N ASN C 172 15.44 -0.78 -4.93
CA ASN C 172 14.93 -1.32 -6.20
C ASN C 172 14.21 -0.26 -7.04
N ARG C 173 13.38 0.59 -6.41
CA ARG C 173 12.66 1.66 -7.10
C ARG C 173 13.61 2.70 -7.73
N PHE C 174 14.71 3.02 -7.02
CA PHE C 174 15.75 3.93 -7.53
C PHE C 174 16.60 3.27 -8.62
N VAL C 175 16.90 1.95 -8.45
CA VAL C 175 17.67 1.18 -9.45
C VAL C 175 16.90 1.17 -10.78
N ALA C 176 15.55 1.05 -10.72
CA ALA C 176 14.69 1.05 -11.91
C ALA C 176 14.82 2.35 -12.71
N ARG C 177 14.97 3.52 -12.00
CA ARG C 177 15.17 4.81 -12.67
C ARG C 177 16.46 4.79 -13.51
N GLU C 178 17.56 4.25 -12.93
CA GLU C 178 18.85 4.14 -13.59
C GLU C 178 18.82 3.10 -14.72
N ALA C 179 18.28 1.92 -14.43
CA ALA C 179 18.18 0.83 -15.41
C ALA C 179 17.38 1.22 -16.64
N GLY C 180 16.32 2.01 -16.46
CA GLY C 180 15.46 2.49 -17.54
C GLY C 180 16.20 3.19 -18.67
N LYS C 181 17.31 3.89 -18.33
CA LYS C 181 18.16 4.60 -19.28
C LYS C 181 18.84 3.65 -20.29
N TYR C 182 18.98 2.37 -19.90
CA TYR C 182 19.60 1.29 -20.66
C TYR C 182 18.56 0.34 -21.30
N GLY C 183 17.27 0.65 -21.12
CA GLY C 183 16.18 -0.20 -21.58
C GLY C 183 16.10 -1.48 -20.77
N VAL C 184 16.56 -1.40 -19.50
CA VAL C 184 16.64 -2.54 -18.57
C VAL C 184 15.61 -2.38 -17.44
N ARG C 185 14.96 -3.50 -17.07
CA ARG C 185 13.99 -3.53 -15.97
C ARG C 185 14.69 -3.95 -14.68
N SER C 186 14.15 -3.57 -13.54
CA SER C 186 14.66 -3.95 -12.22
C SER C 186 13.47 -4.32 -11.34
N ASN C 187 13.45 -5.54 -10.82
CA ASN C 187 12.33 -5.99 -9.98
C ASN C 187 12.78 -6.92 -8.87
N LEU C 188 11.96 -7.06 -7.83
CA LEU C 188 12.26 -8.00 -6.76
C LEU C 188 11.23 -9.13 -6.74
N VAL C 189 11.65 -10.32 -6.31
CA VAL C 189 10.72 -11.42 -6.10
C VAL C 189 10.63 -11.58 -4.58
N ALA C 190 9.44 -11.37 -4.01
CA ALA C 190 9.23 -11.54 -2.57
C ALA C 190 8.75 -12.98 -2.37
N ALA C 191 9.63 -13.81 -1.83
CA ALA C 191 9.36 -15.24 -1.65
C ALA C 191 8.81 -15.52 -0.25
N GLY C 192 8.10 -16.64 -0.13
CA GLY C 192 7.66 -17.17 1.15
C GLY C 192 8.87 -17.86 1.79
N PRO C 193 8.77 -18.40 3.03
CA PRO C 193 9.95 -19.01 3.67
C PRO C 193 10.45 -20.27 2.94
N ILE C 194 11.78 -20.38 2.78
CA ILE C 194 12.44 -21.54 2.13
C ILE C 194 13.51 -22.08 3.08
N ARG C 195 13.56 -23.41 3.23
CA ARG C 195 14.55 -24.10 4.08
C ARG C 195 16.00 -24.09 3.48
N THR C 196 16.73 -22.94 3.61
CA THR C 196 18.11 -22.78 3.11
C THR C 196 19.12 -22.86 4.27
N GLN C 216 9.05 -21.05 13.74
CA GLN C 216 8.33 -22.22 13.24
C GLN C 216 6.83 -21.98 13.04
N LEU C 217 6.20 -21.20 13.96
CA LEU C 217 4.76 -20.86 13.89
C LEU C 217 4.51 -19.85 12.76
N LEU C 218 5.54 -19.03 12.43
CA LEU C 218 5.54 -18.06 11.35
C LEU C 218 5.48 -18.78 9.99
N GLU C 219 6.31 -19.84 9.81
CA GLU C 219 6.37 -20.67 8.62
C GLU C 219 5.15 -21.57 8.44
N GLU C 220 4.53 -22.01 9.56
CA GLU C 220 3.34 -22.88 9.52
C GLU C 220 2.10 -22.10 9.07
N GLY C 221 1.99 -20.85 9.53
CA GLY C 221 0.89 -19.93 9.18
C GLY C 221 0.83 -19.55 7.72
N TRP C 222 1.98 -19.64 7.02
CA TRP C 222 2.15 -19.38 5.60
C TRP C 222 1.32 -20.34 4.73
N ASP C 223 1.54 -21.64 4.89
CA ASP C 223 0.81 -22.68 4.16
C ASP C 223 -0.70 -22.58 4.45
N GLN C 224 -1.05 -22.20 5.69
CA GLN C 224 -2.45 -22.03 6.10
C GLN C 224 -3.13 -20.82 5.42
N ARG C 225 -2.42 -19.67 5.27
CA ARG C 225 -2.93 -18.46 4.62
C ARG C 225 -2.95 -18.55 3.09
N ALA C 226 -1.94 -19.21 2.50
CA ALA C 226 -1.80 -19.36 1.06
C ALA C 226 -2.97 -20.11 0.40
N PRO C 227 -3.77 -19.44 -0.48
CA PRO C 227 -4.88 -20.15 -1.15
C PRO C 227 -4.46 -21.36 -1.99
N ILE C 228 -3.22 -21.36 -2.48
CA ILE C 228 -2.68 -22.50 -3.25
C ILE C 228 -1.63 -23.31 -2.45
N GLY C 229 -1.54 -23.00 -1.16
CA GLY C 229 -0.59 -23.64 -0.24
C GLY C 229 0.83 -23.14 -0.41
N TRP C 230 1.70 -23.53 0.54
CA TRP C 230 3.11 -23.14 0.51
C TRP C 230 4.01 -24.27 0.98
N ASN C 231 4.96 -24.69 0.14
CA ASN C 231 5.91 -25.74 0.44
C ASN C 231 7.29 -25.11 0.68
N MET C 232 7.68 -24.96 1.96
CA MET C 232 8.96 -24.35 2.34
C MET C 232 10.17 -25.21 1.96
N LYS C 233 9.96 -26.49 1.62
CA LYS C 233 11.04 -27.39 1.21
C LYS C 233 11.29 -27.31 -0.31
N ASP C 234 10.45 -26.54 -1.06
CA ASP C 234 10.57 -26.48 -2.51
C ASP C 234 10.83 -25.06 -3.05
N ALA C 235 12.08 -24.81 -3.53
CA ALA C 235 12.46 -23.51 -4.09
C ALA C 235 12.10 -23.35 -5.57
N THR C 236 11.67 -24.44 -6.25
CA THR C 236 11.35 -24.39 -7.69
C THR C 236 10.29 -23.31 -8.04
N PRO C 237 9.14 -23.15 -7.33
CA PRO C 237 8.19 -22.09 -7.73
C PRO C 237 8.80 -20.68 -7.67
N VAL C 238 9.73 -20.46 -6.73
CA VAL C 238 10.47 -19.20 -6.57
C VAL C 238 11.43 -19.02 -7.78
N ALA C 239 12.21 -20.07 -8.10
CA ALA C 239 13.14 -20.07 -9.25
C ALA C 239 12.39 -19.80 -10.57
N LYS C 240 11.20 -20.41 -10.76
CA LYS C 240 10.37 -20.20 -11.96
C LYS C 240 9.94 -18.72 -12.08
N THR C 241 9.54 -18.11 -10.96
CA THR C 241 9.11 -16.69 -10.90
C THR C 241 10.25 -15.75 -11.34
N VAL C 242 11.47 -15.99 -10.81
CA VAL C 242 12.68 -15.23 -11.18
C VAL C 242 12.90 -15.35 -12.70
N CYS C 243 12.79 -16.59 -13.25
CA CYS C 243 12.96 -16.82 -14.67
C CYS C 243 11.90 -16.10 -15.51
N ALA C 244 10.64 -16.03 -15.02
CA ALA C 244 9.58 -15.26 -15.69
C ALA C 244 10.00 -13.77 -15.83
N LEU C 245 10.57 -13.19 -14.76
CA LEU C 245 11.05 -11.79 -14.81
C LEU C 245 12.29 -11.61 -15.70
N LEU C 246 13.13 -12.67 -15.82
CA LEU C 246 14.32 -12.62 -16.67
C LEU C 246 13.95 -12.74 -18.16
N SER C 247 12.75 -13.29 -18.44
CA SER C 247 12.23 -13.50 -19.79
C SER C 247 11.69 -12.21 -20.42
N ASP C 248 11.18 -12.30 -21.66
CA ASP C 248 10.60 -11.17 -22.37
C ASP C 248 9.08 -11.06 -22.10
N TRP C 249 8.54 -11.87 -21.15
CA TRP C 249 7.08 -11.96 -20.92
C TRP C 249 6.50 -10.99 -19.90
N LEU C 250 7.34 -10.17 -19.22
CA LEU C 250 6.86 -9.12 -18.31
C LEU C 250 7.59 -7.83 -18.73
N PRO C 251 7.35 -7.36 -19.99
CA PRO C 251 8.16 -6.26 -20.52
C PRO C 251 7.83 -4.86 -20.06
N ALA C 252 6.69 -4.68 -19.37
CA ALA C 252 6.23 -3.38 -18.89
C ALA C 252 6.22 -3.29 -17.35
N THR C 253 6.96 -4.18 -16.69
CA THR C 253 7.05 -4.23 -15.23
C THR C 253 8.46 -3.83 -14.78
N THR C 254 8.55 -2.74 -13.98
CA THR C 254 9.84 -2.28 -13.44
C THR C 254 9.67 -1.51 -12.11
N GLY C 255 10.73 -1.53 -11.28
CA GLY C 255 10.76 -0.94 -9.95
C GLY C 255 9.72 -1.57 -9.05
N ASP C 256 9.34 -2.82 -9.38
CA ASP C 256 8.23 -3.53 -8.76
C ASP C 256 8.62 -4.78 -7.96
N ILE C 257 7.60 -5.38 -7.31
CA ILE C 257 7.72 -6.58 -6.51
C ILE C 257 6.68 -7.61 -6.98
N ILE C 258 7.15 -8.81 -7.33
CA ILE C 258 6.29 -9.94 -7.70
C ILE C 258 6.34 -10.88 -6.51
N TYR C 259 5.16 -11.31 -6.01
CA TYR C 259 5.11 -12.16 -4.84
C TYR C 259 4.99 -13.64 -5.21
N ALA C 260 6.01 -14.42 -4.88
CA ALA C 260 6.04 -15.89 -5.10
C ALA C 260 5.92 -16.50 -3.69
N ASP C 261 4.71 -16.38 -3.09
CA ASP C 261 4.46 -16.74 -1.69
C ASP C 261 3.19 -17.57 -1.47
N GLY C 262 2.65 -18.15 -2.55
CA GLY C 262 1.42 -18.92 -2.52
C GLY C 262 0.18 -18.07 -2.34
N GLY C 263 0.37 -16.75 -2.42
CA GLY C 263 -0.66 -15.74 -2.21
C GLY C 263 -0.94 -15.45 -0.75
N ALA C 264 -0.04 -15.88 0.17
CA ALA C 264 -0.25 -15.68 1.63
C ALA C 264 -0.39 -14.23 2.05
N HIS C 265 0.37 -13.31 1.42
CA HIS C 265 0.32 -11.88 1.77
C HIS C 265 -1.00 -11.19 1.42
N THR C 266 -1.87 -11.85 0.63
CA THR C 266 -3.16 -11.28 0.20
C THR C 266 -4.31 -11.68 1.14
N GLN C 267 -4.02 -12.51 2.16
CA GLN C 267 -5.01 -13.10 3.06
C GLN C 267 -4.68 -12.79 4.51
N LEU C 268 -5.69 -12.40 5.30
CA LEU C 268 -5.46 -12.07 6.71
C LEU C 268 -5.41 -13.34 7.55
N LEU C 269 -6.42 -14.20 7.37
CA LEU C 269 -6.64 -15.47 8.06
C LEU C 269 -7.10 -16.51 7.05
N THR D 2 -14.11 23.60 28.13
CA THR D 2 -12.80 23.55 27.46
C THR D 2 -12.53 22.13 26.89
N GLY D 3 -13.50 21.61 26.13
CA GLY D 3 -13.45 20.31 25.48
C GLY D 3 -12.82 20.37 24.10
N LEU D 4 -12.48 19.20 23.55
CA LEU D 4 -11.83 19.07 22.24
C LEU D 4 -12.69 19.63 21.11
N LEU D 5 -14.02 19.53 21.23
CA LEU D 5 -14.95 19.96 20.19
C LEU D 5 -15.91 21.08 20.66
N ASP D 6 -15.44 21.93 21.58
CA ASP D 6 -16.21 23.06 22.12
C ASP D 6 -16.83 23.93 21.03
N GLY D 7 -18.15 24.06 21.08
CA GLY D 7 -18.94 24.85 20.14
C GLY D 7 -19.10 24.30 18.73
N LYS D 8 -18.51 23.11 18.42
CA LYS D 8 -18.64 22.53 17.09
C LYS D 8 -20.03 21.91 16.89
N ARG D 9 -20.62 22.10 15.69
CA ARG D 9 -21.93 21.52 15.36
C ARG D 9 -21.67 20.28 14.51
N ILE D 10 -22.04 19.10 15.04
CA ILE D 10 -21.69 17.83 14.37
C ILE D 10 -22.89 16.93 14.14
N LEU D 11 -23.03 16.41 12.91
CA LEU D 11 -24.09 15.45 12.57
C LEU D 11 -23.52 14.04 12.78
N VAL D 12 -24.24 13.19 13.54
CA VAL D 12 -23.82 11.80 13.79
C VAL D 12 -24.91 10.85 13.33
N SER D 13 -24.58 10.00 12.36
CA SER D 13 -25.49 8.98 11.83
C SER D 13 -25.08 7.60 12.39
N GLY D 14 -25.97 6.62 12.29
CA GLY D 14 -25.60 5.25 12.64
C GLY D 14 -25.92 4.68 14.01
N ILE D 15 -26.62 5.44 14.84
CA ILE D 15 -27.03 4.90 16.15
C ILE D 15 -28.24 3.97 15.93
N ILE D 16 -28.13 2.70 16.40
CA ILE D 16 -29.25 1.73 16.42
C ILE D 16 -29.43 1.20 17.85
N THR D 17 -28.32 0.86 18.54
CA THR D 17 -28.31 0.39 19.93
C THR D 17 -27.26 1.19 20.71
N ASP D 18 -27.19 1.03 22.04
CA ASP D 18 -26.18 1.71 22.86
C ASP D 18 -24.81 1.05 22.72
N SER D 19 -24.71 -0.06 21.95
CA SER D 19 -23.45 -0.71 21.64
C SER D 19 -22.90 -0.21 20.28
N SER D 20 -23.74 0.51 19.47
CA SER D 20 -23.34 1.07 18.16
C SER D 20 -22.11 1.96 18.32
N ILE D 21 -21.14 1.85 17.38
CA ILE D 21 -19.96 2.70 17.41
C ILE D 21 -20.40 4.19 17.42
N ALA D 22 -21.45 4.54 16.66
CA ALA D 22 -22.00 5.91 16.60
C ALA D 22 -22.51 6.40 17.94
N PHE D 23 -23.04 5.50 18.81
CA PHE D 23 -23.49 5.89 20.14
C PHE D 23 -22.30 6.41 20.96
N HIS D 24 -21.17 5.69 20.91
CA HIS D 24 -19.94 6.05 21.61
C HIS D 24 -19.30 7.31 21.02
N ILE D 25 -19.36 7.49 19.67
CA ILE D 25 -18.84 8.70 18.99
C ILE D 25 -19.68 9.88 19.51
N ALA D 26 -21.03 9.74 19.47
CA ALA D 26 -21.95 10.79 19.94
C ALA D 26 -21.71 11.15 21.41
N ARG D 27 -21.56 10.14 22.28
CA ARG D 27 -21.30 10.33 23.72
C ARG D 27 -20.00 11.10 23.97
N VAL D 28 -18.87 10.66 23.35
CA VAL D 28 -17.57 11.32 23.53
C VAL D 28 -17.61 12.76 22.98
N ALA D 29 -18.24 12.96 21.80
CA ALA D 29 -18.36 14.31 21.20
C ALA D 29 -19.10 15.28 22.14
N GLN D 30 -20.21 14.84 22.79
CA GLN D 30 -20.97 15.66 23.74
C GLN D 30 -20.15 15.94 25.01
N GLU D 31 -19.38 14.95 25.48
CA GLU D 31 -18.49 15.10 26.64
C GLU D 31 -17.43 16.17 26.32
N GLN D 32 -17.08 16.30 25.02
CA GLN D 32 -16.07 17.24 24.54
C GLN D 32 -16.65 18.58 24.05
N GLY D 33 -17.91 18.87 24.42
CA GLY D 33 -18.56 20.14 24.13
C GLY D 33 -19.26 20.32 22.81
N ALA D 34 -19.36 19.27 21.97
CA ALA D 34 -20.02 19.40 20.67
C ALA D 34 -21.55 19.47 20.80
N GLN D 35 -22.18 20.18 19.86
CA GLN D 35 -23.64 20.30 19.74
C GLN D 35 -24.01 19.34 18.59
N LEU D 36 -24.75 18.26 18.89
CA LEU D 36 -25.08 17.27 17.89
C LEU D 36 -26.46 17.36 17.24
N VAL D 37 -26.55 16.75 16.03
CA VAL D 37 -27.76 16.50 15.22
C VAL D 37 -27.60 15.03 14.89
N LEU D 38 -28.59 14.20 15.22
CA LEU D 38 -28.48 12.77 14.97
C LEU D 38 -29.39 12.31 13.85
N THR D 39 -28.97 11.30 13.10
CA THR D 39 -29.80 10.68 12.07
C THR D 39 -29.95 9.19 12.38
N GLY D 40 -31.14 8.67 12.17
CA GLY D 40 -31.46 7.27 12.38
C GLY D 40 -32.26 6.70 11.23
N PHE D 41 -32.26 5.37 11.11
CA PHE D 41 -32.96 4.62 10.07
C PHE D 41 -34.07 3.72 10.62
N LEU D 46 -37.87 4.18 19.33
CA LEU D 46 -36.99 3.03 19.10
C LEU D 46 -35.50 3.45 19.23
N ILE D 47 -34.97 4.22 18.24
CA ILE D 47 -33.64 4.84 18.26
C ILE D 47 -33.69 6.03 19.24
N GLN D 48 -34.84 6.77 19.29
CA GLN D 48 -35.04 7.91 20.20
C GLN D 48 -34.88 7.46 21.66
N ARG D 49 -35.34 6.23 22.01
CA ARG D 49 -35.20 5.67 23.36
C ARG D 49 -33.72 5.44 23.70
N ILE D 50 -32.91 5.07 22.69
CA ILE D 50 -31.46 4.85 22.85
C ILE D 50 -30.75 6.20 22.98
N THR D 51 -31.07 7.17 22.11
CA THR D 51 -30.43 8.50 22.11
C THR D 51 -30.80 9.32 23.35
N ASP D 52 -31.90 8.96 24.05
CA ASP D 52 -32.31 9.58 25.32
C ASP D 52 -31.28 9.26 26.41
N ARG D 53 -30.46 8.19 26.21
CA ARG D 53 -29.41 7.75 27.13
C ARG D 53 -28.11 8.55 26.96
N LEU D 54 -28.02 9.40 25.92
CA LEU D 54 -26.84 10.24 25.70
C LEU D 54 -26.79 11.37 26.76
N PRO D 55 -25.58 11.90 27.12
CA PRO D 55 -25.51 12.92 28.17
C PRO D 55 -26.26 14.23 27.89
N ALA D 56 -26.49 14.58 26.62
CA ALA D 56 -27.20 15.80 26.25
C ALA D 56 -28.25 15.57 25.17
N LYS D 57 -29.29 16.45 25.15
CA LYS D 57 -30.38 16.41 24.18
C LYS D 57 -29.86 16.73 22.80
N ALA D 58 -30.41 16.07 21.79
CA ALA D 58 -30.03 16.28 20.39
C ALA D 58 -31.21 15.95 19.49
N PRO D 59 -31.53 16.83 18.51
CA PRO D 59 -32.61 16.50 17.57
C PRO D 59 -32.27 15.24 16.76
N LEU D 60 -33.27 14.36 16.54
CA LEU D 60 -33.12 13.13 15.78
C LEU D 60 -33.90 13.25 14.47
N LEU D 61 -33.20 13.13 13.33
CA LEU D 61 -33.80 13.24 11.99
C LEU D 61 -33.82 11.90 11.28
N GLU D 62 -34.85 11.68 10.45
CA GLU D 62 -34.96 10.44 9.70
C GLU D 62 -34.03 10.43 8.49
N LEU D 63 -33.24 9.35 8.32
CA LEU D 63 -32.37 9.25 7.15
C LEU D 63 -32.14 7.81 6.73
N ASP D 64 -32.79 7.44 5.65
CA ASP D 64 -32.61 6.18 4.98
C ASP D 64 -31.75 6.61 3.79
N VAL D 65 -30.47 6.20 3.76
CA VAL D 65 -29.54 6.61 2.70
C VAL D 65 -29.94 6.09 1.30
N GLN D 66 -30.87 5.13 1.23
CA GLN D 66 -31.38 4.58 -0.02
C GLN D 66 -32.59 5.38 -0.51
N ASN D 67 -33.05 6.32 0.33
CA ASN D 67 -34.21 7.17 0.06
C ASN D 67 -33.76 8.52 -0.49
N GLU D 68 -34.01 8.78 -1.80
CA GLU D 68 -33.61 10.01 -2.48
C GLU D 68 -34.29 11.27 -1.93
N GLU D 69 -35.54 11.15 -1.45
CA GLU D 69 -36.29 12.26 -0.86
C GLU D 69 -35.67 12.68 0.46
N HIS D 70 -35.26 11.71 1.31
CA HIS D 70 -34.56 11.96 2.58
C HIS D 70 -33.25 12.70 2.33
N LEU D 71 -32.51 12.32 1.28
CA LEU D 71 -31.23 12.96 0.93
C LEU D 71 -31.44 14.39 0.41
N ALA D 72 -32.47 14.58 -0.45
CA ALA D 72 -32.81 15.88 -1.05
C ALA D 72 -33.25 16.92 -0.01
N SER D 73 -33.87 16.47 1.10
CA SER D 73 -34.38 17.36 2.15
C SER D 73 -33.47 17.48 3.37
N LEU D 74 -32.42 16.63 3.46
CA LEU D 74 -31.51 16.56 4.60
C LEU D 74 -30.93 17.90 5.03
N ALA D 75 -30.26 18.65 4.11
CA ALA D 75 -29.66 19.96 4.41
C ALA D 75 -30.67 20.93 5.04
N GLY D 76 -31.86 21.01 4.43
CA GLY D 76 -32.96 21.85 4.92
C GLY D 76 -33.39 21.48 6.32
N ARG D 77 -33.53 20.17 6.60
CA ARG D 77 -33.94 19.65 7.91
C ARG D 77 -32.88 19.87 8.97
N VAL D 78 -31.59 19.77 8.61
CA VAL D 78 -30.47 20.02 9.52
C VAL D 78 -30.43 21.52 9.88
N THR D 79 -30.56 22.41 8.87
CA THR D 79 -30.56 23.87 9.01
C THR D 79 -31.67 24.31 9.98
N GLU D 80 -32.87 23.71 9.86
CA GLU D 80 -34.01 23.96 10.74
C GLU D 80 -33.67 23.56 12.19
N ALA D 81 -32.97 22.42 12.37
CA ALA D 81 -32.56 21.91 13.67
C ALA D 81 -31.45 22.75 14.35
N ILE D 82 -30.48 23.30 13.58
CA ILE D 82 -29.37 24.10 14.14
C ILE D 82 -29.59 25.63 14.06
N GLY D 83 -30.66 26.05 13.40
CA GLY D 83 -31.00 27.46 13.23
C GLY D 83 -30.41 28.04 11.96
N ALA D 84 -31.18 28.93 11.30
CA ALA D 84 -30.77 29.60 10.07
C ALA D 84 -29.51 30.44 10.31
N GLY D 85 -28.59 30.41 9.35
CA GLY D 85 -27.33 31.13 9.44
C GLY D 85 -26.22 30.32 10.11
N ASN D 86 -26.55 29.14 10.65
CA ASN D 86 -25.58 28.24 11.28
C ASN D 86 -25.28 27.08 10.34
N LYS D 87 -24.03 26.64 10.32
CA LYS D 87 -23.59 25.53 9.49
C LYS D 87 -22.94 24.43 10.34
N LEU D 88 -22.74 23.23 9.76
CA LEU D 88 -22.10 22.12 10.43
C LEU D 88 -20.60 22.25 10.35
N ASP D 89 -19.91 21.75 11.39
CA ASP D 89 -18.43 21.69 11.44
C ASP D 89 -17.98 20.24 11.24
N GLY D 90 -18.87 19.29 11.51
CA GLY D 90 -18.53 17.88 11.39
C GLY D 90 -19.69 17.00 10.94
N VAL D 91 -19.34 15.89 10.27
CA VAL D 91 -20.28 14.89 9.78
C VAL D 91 -19.66 13.53 10.06
N VAL D 92 -20.44 12.62 10.68
CA VAL D 92 -19.98 11.26 10.98
C VAL D 92 -20.89 10.28 10.25
N HIS D 93 -20.29 9.47 9.37
CA HIS D 93 -20.96 8.39 8.65
C HIS D 93 -20.59 7.11 9.40
N SER D 94 -21.54 6.51 10.11
CA SER D 94 -21.28 5.26 10.83
C SER D 94 -22.38 4.28 10.41
N ILE D 95 -22.50 4.12 9.09
CA ILE D 95 -23.53 3.34 8.43
C ILE D 95 -22.91 2.21 7.64
N GLY D 96 -23.47 1.02 7.81
CA GLY D 96 -23.03 -0.17 7.10
C GLY D 96 -24.07 -1.26 7.17
N PHE D 97 -24.17 -2.02 6.09
CA PHE D 97 -25.09 -3.16 5.98
C PHE D 97 -24.72 -4.04 4.81
N MET D 98 -24.78 -5.36 5.03
CA MET D 98 -24.63 -6.37 4.00
C MET D 98 -25.56 -7.52 4.36
N PRO D 99 -26.51 -7.93 3.49
CA PRO D 99 -27.39 -9.06 3.85
C PRO D 99 -26.55 -10.33 4.13
N GLN D 100 -27.11 -11.27 4.93
CA GLN D 100 -26.49 -12.54 5.33
C GLN D 100 -25.95 -13.35 4.15
N THR D 101 -26.59 -13.23 2.97
CA THR D 101 -26.15 -13.92 1.75
C THR D 101 -24.73 -13.47 1.29
N GLY D 102 -24.33 -12.24 1.66
CA GLY D 102 -23.03 -11.69 1.30
C GLY D 102 -22.04 -11.51 2.45
N MET D 103 -22.47 -11.79 3.68
CA MET D 103 -21.65 -11.60 4.89
C MET D 103 -22.15 -12.60 5.92
N GLY D 104 -21.33 -13.61 6.20
CA GLY D 104 -21.69 -14.66 7.16
C GLY D 104 -21.22 -16.04 6.73
N ILE D 105 -22.12 -17.05 6.81
CA ILE D 105 -21.79 -18.44 6.46
C ILE D 105 -22.04 -18.78 4.99
N ASN D 106 -22.85 -17.95 4.28
CA ASN D 106 -23.16 -18.20 2.88
C ASN D 106 -21.89 -18.12 2.01
N PRO D 107 -21.62 -19.13 1.13
CA PRO D 107 -20.41 -19.06 0.28
C PRO D 107 -20.32 -17.76 -0.51
N PHE D 108 -19.09 -17.27 -0.70
CA PHE D 108 -18.82 -16.03 -1.42
C PHE D 108 -19.52 -15.97 -2.79
N PHE D 109 -19.50 -17.08 -3.52
CA PHE D 109 -20.11 -17.19 -4.85
C PHE D 109 -21.65 -17.25 -4.81
N ASP D 110 -22.26 -17.49 -3.64
CA ASP D 110 -23.71 -17.65 -3.56
C ASP D 110 -24.47 -16.34 -3.22
N ALA D 111 -23.77 -15.22 -3.13
CA ALA D 111 -24.41 -13.93 -2.85
C ALA D 111 -25.02 -13.38 -4.14
N PRO D 112 -26.37 -13.19 -4.24
CA PRO D 112 -26.93 -12.62 -5.49
C PRO D 112 -26.60 -11.14 -5.61
N TYR D 113 -26.50 -10.60 -6.85
CA TYR D 113 -26.14 -9.20 -7.05
C TYR D 113 -27.11 -8.21 -6.38
N ALA D 114 -28.44 -8.52 -6.30
CA ALA D 114 -29.39 -7.61 -5.64
C ALA D 114 -28.95 -7.32 -4.19
N ASP D 115 -28.50 -8.37 -3.46
CA ASP D 115 -28.05 -8.26 -2.07
C ASP D 115 -26.73 -7.51 -1.97
N VAL D 116 -25.73 -7.89 -2.80
CA VAL D 116 -24.42 -7.19 -2.84
C VAL D 116 -24.65 -5.69 -3.13
N SER D 117 -25.46 -5.38 -4.17
CA SER D 117 -25.75 -4.00 -4.59
C SER D 117 -26.39 -3.17 -3.48
N LYS D 118 -27.33 -3.77 -2.73
CA LYS D 118 -27.95 -3.07 -1.59
C LYS D 118 -26.87 -2.75 -0.54
N GLY D 119 -26.01 -3.73 -0.27
CA GLY D 119 -24.91 -3.61 0.67
C GLY D 119 -23.92 -2.51 0.30
N ILE D 120 -23.54 -2.44 -0.99
CA ILE D 120 -22.61 -1.42 -1.50
C ILE D 120 -23.26 -0.02 -1.47
N HIS D 121 -24.56 0.05 -1.80
CA HIS D 121 -25.31 1.31 -1.78
C HIS D 121 -25.25 1.93 -0.37
N ILE D 122 -25.62 1.14 0.64
CA ILE D 122 -25.66 1.57 2.04
C ILE D 122 -24.28 1.79 2.63
N SER D 123 -23.34 0.87 2.39
CA SER D 123 -22.00 0.89 2.99
C SER D 123 -20.95 1.78 2.31
N ALA D 124 -21.07 2.03 0.99
CA ALA D 124 -20.03 2.80 0.28
C ALA D 124 -20.54 4.02 -0.45
N TYR D 125 -21.52 3.83 -1.37
CA TYR D 125 -22.09 4.92 -2.15
C TYR D 125 -22.67 6.02 -1.25
N SER D 126 -23.34 5.63 -0.15
CA SER D 126 -23.95 6.61 0.76
C SER D 126 -22.95 7.59 1.42
N TYR D 127 -21.64 7.25 1.43
CA TYR D 127 -20.64 8.17 1.96
C TYR D 127 -20.57 9.40 1.04
N ALA D 128 -20.65 9.17 -0.29
CA ALA D 128 -20.70 10.24 -1.30
C ALA D 128 -22.05 10.99 -1.20
N SER D 129 -23.18 10.25 -1.01
CA SER D 129 -24.53 10.84 -0.89
C SER D 129 -24.61 11.84 0.25
N MET D 130 -24.10 11.44 1.42
CA MET D 130 -24.10 12.26 2.62
C MET D 130 -23.23 13.51 2.42
N ALA D 131 -22.05 13.36 1.80
CA ALA D 131 -21.16 14.49 1.50
C ALA D 131 -21.81 15.47 0.54
N LYS D 132 -22.48 14.96 -0.53
CA LYS D 132 -23.20 15.78 -1.51
C LYS D 132 -24.28 16.61 -0.81
N ALA D 133 -25.07 15.97 0.06
CA ALA D 133 -26.16 16.64 0.76
C ALA D 133 -25.69 17.67 1.79
N LEU D 134 -24.59 17.36 2.52
CA LEU D 134 -24.15 18.19 3.63
C LEU D 134 -23.02 19.20 3.36
N LEU D 135 -22.11 18.96 2.37
CA LEU D 135 -21.07 19.95 2.06
C LEU D 135 -21.61 21.40 1.85
N PRO D 136 -22.77 21.63 1.14
CA PRO D 136 -23.28 23.02 1.02
C PRO D 136 -23.63 23.71 2.35
N ILE D 137 -23.78 22.93 3.44
CA ILE D 137 -24.07 23.48 4.76
C ILE D 137 -22.93 23.19 5.77
N MET D 138 -21.68 23.12 5.28
CA MET D 138 -20.51 22.92 6.14
C MET D 138 -19.57 24.12 6.14
N ASN D 139 -18.98 24.42 7.31
CA ASN D 139 -18.06 25.52 7.46
C ASN D 139 -16.63 25.16 6.99
N PRO D 140 -15.82 26.14 6.52
CA PRO D 140 -14.40 25.84 6.25
C PRO D 140 -13.73 25.36 7.54
N GLY D 141 -12.80 24.41 7.39
CA GLY D 141 -12.12 23.77 8.51
C GLY D 141 -12.91 22.57 9.01
N GLY D 142 -14.04 22.31 8.34
CA GLY D 142 -14.95 21.19 8.60
C GLY D 142 -14.34 19.82 8.40
N SER D 143 -15.01 18.78 8.93
CA SER D 143 -14.48 17.42 8.84
C SER D 143 -15.57 16.38 8.65
N ILE D 144 -15.40 15.49 7.66
CA ILE D 144 -16.31 14.36 7.39
C ILE D 144 -15.53 13.08 7.74
N VAL D 145 -16.10 12.23 8.62
CA VAL D 145 -15.46 10.99 9.05
C VAL D 145 -16.37 9.80 8.79
N GLY D 146 -15.83 8.73 8.24
CA GLY D 146 -16.57 7.50 7.99
C GLY D 146 -15.90 6.33 8.67
N MET D 147 -16.66 5.25 8.91
CA MET D 147 -16.12 4.04 9.55
C MET D 147 -15.72 2.98 8.55
N ASP D 148 -14.54 2.40 8.78
CA ASP D 148 -13.97 1.39 7.90
C ASP D 148 -13.48 0.18 8.69
N PHE D 149 -13.30 -0.96 8.00
CA PHE D 149 -12.71 -2.20 8.52
C PHE D 149 -11.71 -2.59 7.45
N ASP D 150 -10.41 -2.57 7.77
CA ASP D 150 -9.33 -2.84 6.82
C ASP D 150 -9.62 -4.01 5.84
N PRO D 151 -9.83 -3.67 4.53
CA PRO D 151 -10.14 -4.68 3.51
C PRO D 151 -8.96 -4.99 2.56
N SER D 152 -7.73 -4.59 2.94
CA SER D 152 -6.50 -4.79 2.14
C SER D 152 -6.21 -6.25 1.84
N ARG D 153 -6.65 -7.15 2.72
CA ARG D 153 -6.48 -8.60 2.59
C ARG D 153 -7.83 -9.30 2.80
N ALA D 154 -8.07 -10.42 2.10
CA ALA D 154 -9.32 -11.16 2.26
C ALA D 154 -9.32 -11.89 3.61
N MET D 155 -10.50 -12.20 4.12
CA MET D 155 -10.65 -12.90 5.40
C MET D 155 -11.93 -13.71 5.39
N PRO D 156 -12.04 -14.76 6.22
CA PRO D 156 -13.29 -15.53 6.27
C PRO D 156 -14.50 -14.71 6.73
N ALA D 157 -15.70 -15.17 6.31
CA ALA D 157 -17.04 -14.67 6.67
C ALA D 157 -17.39 -13.22 6.23
N TYR D 158 -16.48 -12.25 6.38
CA TYR D 158 -16.75 -10.84 6.04
C TYR D 158 -17.12 -10.65 4.56
N ASN D 159 -16.54 -11.49 3.68
CA ASN D 159 -16.84 -11.61 2.25
C ASN D 159 -17.20 -10.29 1.51
N TRP D 160 -18.46 -10.14 1.08
CA TRP D 160 -18.88 -8.97 0.32
C TRP D 160 -18.87 -7.69 1.14
N MET D 161 -18.89 -7.77 2.49
CA MET D 161 -18.77 -6.57 3.30
C MET D 161 -17.34 -6.00 3.14
N THR D 162 -16.34 -6.89 3.02
CA THR D 162 -14.95 -6.52 2.79
C THR D 162 -14.84 -5.81 1.44
N VAL D 163 -15.53 -6.34 0.40
CA VAL D 163 -15.57 -5.73 -0.95
C VAL D 163 -16.19 -4.32 -0.84
N ALA D 164 -17.29 -4.17 -0.07
CA ALA D 164 -17.95 -2.87 0.15
C ALA D 164 -16.97 -1.89 0.83
N LYS D 165 -16.15 -2.36 1.80
CA LYS D 165 -15.15 -1.50 2.46
C LYS D 165 -14.03 -1.06 1.50
N SER D 166 -13.61 -1.95 0.57
CA SER D 166 -12.62 -1.59 -0.46
C SER D 166 -13.21 -0.46 -1.32
N ALA D 167 -14.50 -0.58 -1.71
CA ALA D 167 -15.20 0.47 -2.48
C ALA D 167 -15.27 1.77 -1.65
N LEU D 168 -15.60 1.67 -0.34
CA LEU D 168 -15.70 2.84 0.55
C LEU D 168 -14.37 3.62 0.60
N GLU D 169 -13.24 2.91 0.73
CA GLU D 169 -11.91 3.57 0.78
C GLU D 169 -11.67 4.40 -0.48
N SER D 170 -12.07 3.85 -1.65
CA SER D 170 -11.96 4.55 -2.93
C SER D 170 -12.88 5.79 -2.95
N VAL D 171 -14.16 5.62 -2.52
CA VAL D 171 -15.14 6.70 -2.45
C VAL D 171 -14.59 7.86 -1.60
N ASN D 172 -14.00 7.55 -0.45
CA ASN D 172 -13.43 8.54 0.47
C ASN D 172 -12.39 9.44 -0.22
N ARG D 173 -11.52 8.84 -1.06
CA ARG D 173 -10.49 9.60 -1.80
C ARG D 173 -11.10 10.61 -2.78
N PHE D 174 -12.21 10.23 -3.44
CA PHE D 174 -12.96 11.11 -4.32
C PHE D 174 -13.74 12.18 -3.56
N VAL D 175 -14.35 11.80 -2.41
CA VAL D 175 -15.08 12.74 -1.55
C VAL D 175 -14.12 13.84 -1.07
N ALA D 176 -12.84 13.47 -0.76
CA ALA D 176 -11.83 14.46 -0.34
C ALA D 176 -11.59 15.55 -1.39
N ARG D 177 -11.59 15.16 -2.70
CA ARG D 177 -11.42 16.12 -3.81
C ARG D 177 -12.56 17.15 -3.78
N GLU D 178 -13.81 16.68 -3.58
CA GLU D 178 -14.99 17.56 -3.52
C GLU D 178 -15.00 18.42 -2.27
N ALA D 179 -14.77 17.80 -1.10
CA ALA D 179 -14.73 18.46 0.20
C ALA D 179 -13.68 19.57 0.27
N GLY D 180 -12.54 19.36 -0.37
CA GLY D 180 -11.43 20.32 -0.44
C GLY D 180 -11.85 21.69 -0.94
N LYS D 181 -12.83 21.73 -1.88
CA LYS D 181 -13.37 22.96 -2.47
C LYS D 181 -14.06 23.85 -1.43
N TYR D 182 -14.49 23.24 -0.31
CA TYR D 182 -15.19 23.87 0.82
C TYR D 182 -14.28 24.06 2.05
N GLY D 183 -13.00 23.70 1.91
CA GLY D 183 -12.05 23.74 3.01
C GLY D 183 -12.36 22.67 4.05
N VAL D 184 -13.00 21.57 3.60
CA VAL D 184 -13.42 20.46 4.43
C VAL D 184 -12.56 19.21 4.16
N ARG D 185 -12.22 18.47 5.24
CA ARG D 185 -11.45 17.21 5.15
C ARG D 185 -12.43 16.04 5.12
N SER D 186 -12.00 14.92 4.56
CA SER D 186 -12.79 13.69 4.54
C SER D 186 -11.82 12.54 4.83
N ASN D 187 -12.10 11.73 5.87
CA ASN D 187 -11.22 10.62 6.27
C ASN D 187 -12.01 9.45 6.82
N LEU D 188 -11.39 8.26 6.83
CA LEU D 188 -12.02 7.08 7.41
C LEU D 188 -11.24 6.64 8.65
N VAL D 189 -11.94 6.07 9.62
CA VAL D 189 -11.31 5.44 10.77
C VAL D 189 -11.48 3.94 10.56
N ALA D 190 -10.36 3.23 10.37
CA ALA D 190 -10.38 1.78 10.26
C ALA D 190 -10.24 1.19 11.67
N ALA D 191 -11.35 0.64 12.18
CA ALA D 191 -11.41 0.11 13.53
C ALA D 191 -11.16 -1.37 13.56
N GLY D 192 -10.70 -1.87 14.71
CA GLY D 192 -10.58 -3.30 14.95
C GLY D 192 -11.98 -3.84 15.25
N PRO D 193 -12.16 -5.15 15.49
CA PRO D 193 -13.52 -5.67 15.75
C PRO D 193 -14.15 -5.16 17.04
N ILE D 194 -15.42 -4.75 16.98
CA ILE D 194 -16.20 -4.25 18.12
C ILE D 194 -17.50 -5.04 18.23
N ARG D 195 -17.83 -5.46 19.46
CA ARG D 195 -19.03 -6.24 19.76
C ARG D 195 -20.32 -5.41 19.69
N THR D 196 -20.74 -5.05 18.45
CA THR D 196 -22.01 -4.36 18.15
C THR D 196 -23.02 -5.47 17.86
N LEU D 197 -24.29 -5.11 17.52
CA LEU D 197 -25.43 -6.03 17.28
C LEU D 197 -25.09 -7.31 16.47
N ALA D 198 -24.68 -7.18 15.19
CA ALA D 198 -24.37 -8.33 14.32
C ALA D 198 -23.17 -9.16 14.81
N MET D 199 -22.13 -8.46 15.35
CA MET D 199 -20.93 -9.08 15.91
C MET D 199 -21.24 -9.91 17.16
N SER D 200 -22.14 -9.43 18.03
CA SER D 200 -22.57 -10.15 19.23
C SER D 200 -23.35 -11.43 18.84
N ALA D 201 -24.16 -11.32 17.76
CA ALA D 201 -24.96 -12.44 17.23
C ALA D 201 -24.07 -13.57 16.71
N ILE D 202 -23.08 -13.26 15.83
CA ILE D 202 -22.17 -14.28 15.26
C ILE D 202 -21.36 -14.99 16.38
N VAL D 203 -20.81 -14.22 17.35
CA VAL D 203 -20.04 -14.79 18.48
C VAL D 203 -20.96 -15.66 19.38
N GLY D 204 -22.21 -15.23 19.51
CA GLY D 204 -23.23 -15.93 20.30
C GLY D 204 -23.72 -17.26 19.74
N GLY D 205 -23.41 -17.53 18.46
CA GLY D 205 -23.80 -18.77 17.79
C GLY D 205 -24.98 -18.70 16.86
N ALA D 206 -25.49 -17.48 16.55
CA ALA D 206 -26.65 -17.27 15.68
C ALA D 206 -26.48 -17.80 14.26
N LEU D 207 -25.25 -17.79 13.73
CA LEU D 207 -24.92 -18.28 12.39
C LEU D 207 -24.31 -19.69 12.45
N GLY D 208 -24.34 -20.31 13.63
CA GLY D 208 -23.83 -21.66 13.88
C GLY D 208 -22.46 -21.71 14.53
N GLU D 209 -22.04 -22.94 14.86
CA GLU D 209 -20.77 -23.31 15.49
C GLU D 209 -19.53 -22.85 14.69
N GLU D 210 -19.50 -23.12 13.36
CA GLU D 210 -18.37 -22.78 12.49
C GLU D 210 -18.09 -21.28 12.39
N ALA D 211 -19.15 -20.47 12.18
CA ALA D 211 -19.01 -19.01 12.08
C ALA D 211 -18.57 -18.39 13.41
N GLY D 212 -19.15 -18.87 14.50
CA GLY D 212 -18.81 -18.42 15.85
C GLY D 212 -17.35 -18.59 16.18
N ALA D 213 -16.81 -19.78 15.86
CA ALA D 213 -15.40 -20.14 16.04
C ALA D 213 -14.48 -19.28 15.19
N GLN D 214 -14.89 -19.02 13.92
CA GLN D 214 -14.15 -18.21 12.95
C GLN D 214 -13.91 -16.79 13.47
N ILE D 215 -14.96 -16.17 14.03
CA ILE D 215 -14.91 -14.79 14.52
C ILE D 215 -14.14 -14.72 15.85
N GLN D 216 -14.28 -15.76 16.72
CA GLN D 216 -13.54 -15.84 17.98
C GLN D 216 -12.02 -15.89 17.70
N LEU D 217 -11.60 -16.70 16.71
CA LEU D 217 -10.20 -16.83 16.29
C LEU D 217 -9.68 -15.49 15.77
N LEU D 218 -10.48 -14.77 14.96
CA LEU D 218 -10.09 -13.46 14.43
C LEU D 218 -9.85 -12.48 15.57
N GLU D 219 -10.74 -12.46 16.59
CA GLU D 219 -10.64 -11.56 17.75
C GLU D 219 -9.41 -11.85 18.60
N GLU D 220 -9.16 -13.14 18.86
CA GLU D 220 -7.98 -13.57 19.64
C GLU D 220 -6.68 -13.15 18.92
N GLY D 221 -6.60 -13.39 17.61
CA GLY D 221 -5.45 -13.03 16.79
C GLY D 221 -5.19 -11.53 16.78
N TRP D 222 -6.28 -10.75 16.73
CA TRP D 222 -6.26 -9.28 16.73
C TRP D 222 -5.59 -8.74 17.99
N ASP D 223 -6.02 -9.24 19.17
CA ASP D 223 -5.46 -8.83 20.47
C ASP D 223 -4.00 -9.27 20.57
N GLN D 224 -3.69 -10.48 20.07
CA GLN D 224 -2.32 -11.00 20.06
C GLN D 224 -1.36 -10.15 19.19
N ARG D 225 -1.75 -9.82 17.94
CA ARG D 225 -0.90 -9.01 17.05
C ARG D 225 -0.74 -7.56 17.50
N ALA D 226 -1.84 -6.96 18.02
CA ALA D 226 -1.84 -5.57 18.47
C ALA D 226 -0.77 -5.34 19.55
N PRO D 227 0.28 -4.51 19.28
CA PRO D 227 1.32 -4.30 20.31
C PRO D 227 0.79 -3.71 21.62
N ILE D 228 -0.33 -2.98 21.57
CA ILE D 228 -0.95 -2.40 22.77
C ILE D 228 -2.25 -3.13 23.15
N GLY D 229 -2.49 -4.28 22.53
CA GLY D 229 -3.67 -5.10 22.75
C GLY D 229 -4.91 -4.55 22.09
N TRP D 230 -6.00 -5.32 22.14
CA TRP D 230 -7.28 -4.93 21.56
C TRP D 230 -8.44 -5.44 22.38
N ASN D 231 -9.30 -4.53 22.84
CA ASN D 231 -10.49 -4.88 23.61
C ASN D 231 -11.73 -4.69 22.73
N MET D 232 -12.27 -5.80 22.21
CA MET D 232 -13.44 -5.76 21.33
C MET D 232 -14.73 -5.32 22.04
N LYS D 233 -14.73 -5.32 23.39
CA LYS D 233 -15.89 -4.91 24.18
C LYS D 233 -15.88 -3.40 24.44
N ASP D 234 -14.80 -2.69 24.04
CA ASP D 234 -14.66 -1.25 24.32
C ASP D 234 -14.55 -0.38 23.05
N ALA D 235 -15.63 0.36 22.73
CA ALA D 235 -15.64 1.24 21.57
C ALA D 235 -15.02 2.62 21.83
N THR D 236 -14.74 2.97 23.10
CA THR D 236 -14.19 4.29 23.47
C THR D 236 -12.89 4.65 22.68
N PRO D 237 -11.86 3.78 22.52
CA PRO D 237 -10.67 4.21 21.74
C PRO D 237 -11.00 4.58 20.29
N VAL D 238 -12.02 3.92 19.71
CA VAL D 238 -12.50 4.19 18.36
C VAL D 238 -13.24 5.54 18.36
N ALA D 239 -14.14 5.77 19.34
CA ALA D 239 -14.88 7.03 19.45
C ALA D 239 -13.91 8.23 19.61
N LYS D 240 -12.86 8.07 20.46
CA LYS D 240 -11.83 9.10 20.67
C LYS D 240 -11.11 9.46 19.35
N THR D 241 -10.77 8.43 18.53
CA THR D 241 -10.08 8.59 17.24
C THR D 241 -10.95 9.41 16.27
N VAL D 242 -12.25 9.10 16.19
CA VAL D 242 -13.19 9.83 15.34
C VAL D 242 -13.20 11.30 15.79
N CYS D 243 -13.29 11.55 17.12
CA CYS D 243 -13.26 12.90 17.66
C CYS D 243 -11.96 13.64 17.35
N ALA D 244 -10.81 12.91 17.33
CA ALA D 244 -9.51 13.53 16.95
C ALA D 244 -9.60 14.06 15.50
N LEU D 245 -10.20 13.28 14.58
CA LEU D 245 -10.37 13.71 13.18
C LEU D 245 -11.40 14.85 13.04
N LEU D 246 -12.41 14.89 13.92
CA LEU D 246 -13.41 15.97 13.94
C LEU D 246 -12.85 17.28 14.47
N SER D 247 -11.77 17.19 15.26
CA SER D 247 -11.10 18.34 15.86
C SER D 247 -10.23 19.12 14.87
N ASP D 248 -9.57 20.17 15.35
CA ASP D 248 -8.66 20.99 14.55
C ASP D 248 -7.22 20.45 14.62
N TRP D 249 -7.01 19.26 15.25
CA TRP D 249 -5.65 18.74 15.51
C TRP D 249 -5.04 17.87 14.41
N LEU D 250 -5.80 17.56 13.33
CA LEU D 250 -5.25 16.84 12.18
C LEU D 250 -5.65 17.67 10.93
N PRO D 251 -5.15 18.93 10.82
CA PRO D 251 -5.66 19.84 9.78
C PRO D 251 -5.13 19.64 8.37
N ALA D 252 -4.13 18.79 8.20
CA ALA D 252 -3.50 18.55 6.90
C ALA D 252 -3.70 17.08 6.46
N THR D 253 -4.69 16.39 7.05
CA THR D 253 -4.99 14.98 6.72
C THR D 253 -6.33 14.92 6.01
N THR D 254 -6.32 14.41 4.75
CA THR D 254 -7.58 14.24 3.97
C THR D 254 -7.44 13.11 2.94
N GLY D 255 -8.59 12.52 2.59
CA GLY D 255 -8.71 11.37 1.70
C GLY D 255 -7.99 10.15 2.24
N ASP D 256 -7.81 10.14 3.57
CA ASP D 256 -6.98 9.17 4.26
C ASP D 256 -7.70 8.19 5.18
N ILE D 257 -6.93 7.26 5.75
CA ILE D 257 -7.39 6.25 6.69
C ILE D 257 -6.51 6.29 7.94
N ILE D 258 -7.13 6.44 9.11
CA ILE D 258 -6.46 6.40 10.41
C ILE D 258 -6.89 5.07 11.02
N TYR D 259 -5.94 4.27 11.48
CA TYR D 259 -6.24 2.95 12.03
C TYR D 259 -6.33 2.98 13.56
N ALA D 260 -7.54 2.73 14.10
CA ALA D 260 -7.79 2.61 15.54
C ALA D 260 -8.02 1.09 15.78
N ASP D 261 -6.92 0.32 15.71
CA ASP D 261 -6.98 -1.15 15.75
C ASP D 261 -5.93 -1.80 16.69
N GLY D 262 -5.37 -1.01 17.59
CA GLY D 262 -4.33 -1.45 18.52
C GLY D 262 -2.98 -1.67 17.83
N GLY D 263 -2.92 -1.28 16.55
CA GLY D 263 -1.74 -1.46 15.69
C GLY D 263 -1.66 -2.86 15.10
N ALA D 264 -2.75 -3.66 15.20
CA ALA D 264 -2.75 -5.04 14.67
C ALA D 264 -2.38 -5.16 13.17
N HIS D 265 -2.83 -4.21 12.34
CA HIS D 265 -2.58 -4.24 10.89
C HIS D 265 -1.11 -4.02 10.50
N THR D 266 -0.26 -3.61 11.45
CA THR D 266 1.17 -3.34 11.21
C THR D 266 2.07 -4.53 11.57
N GLN D 267 1.45 -5.61 12.09
CA GLN D 267 2.18 -6.78 12.58
C GLN D 267 1.67 -8.05 11.89
N LEU D 268 2.61 -8.93 11.49
CA LEU D 268 2.22 -10.18 10.82
C LEU D 268 1.82 -11.22 11.85
N LEU D 269 2.66 -11.41 12.88
CA LEU D 269 2.45 -12.35 13.98
C LEU D 269 2.82 -11.70 15.31
PA NAD E . 16.36 20.25 10.32
O1A NAD E . 17.63 20.44 9.56
O2A NAD E . 15.82 21.57 10.89
O5B NAD E . 16.40 19.24 11.55
C5B NAD E . 17.19 18.04 11.47
C4B NAD E . 17.83 17.89 12.82
O4B NAD E . 18.61 16.68 12.87
C3B NAD E . 18.77 19.03 13.25
O3B NAD E . 18.37 19.56 14.50
C2B NAD E . 20.12 18.32 13.44
O2B NAD E . 20.91 18.82 14.51
C1B NAD E . 19.63 16.93 13.81
N9A NAD E . 20.64 15.90 13.74
C8A NAD E . 21.48 15.61 12.70
N7A NAD E . 22.45 14.79 13.00
C5A NAD E . 22.23 14.49 14.34
C6A NAD E . 22.91 13.67 15.25
N6A NAD E . 24.01 12.96 14.95
N1A NAD E . 22.42 13.59 16.51
C2A NAD E . 21.32 14.28 16.82
N3A NAD E . 20.60 15.10 16.05
C4A NAD E . 21.12 15.16 14.80
O3 NAD E . 15.28 19.75 9.29
PN NAD E . 13.74 19.32 9.45
O1N NAD E . 13.17 19.46 8.09
O2N NAD E . 13.11 19.99 10.60
O5D NAD E . 13.90 17.77 9.79
C5D NAD E . 13.31 17.16 10.96
C4D NAD E . 12.77 15.80 10.56
O4D NAD E . 11.67 15.98 9.64
C3D NAD E . 13.77 14.88 9.86
O3D NAD E . 13.66 13.55 10.34
C2D NAD E . 13.35 15.00 8.39
O2D NAD E . 13.77 13.87 7.63
C1D NAD E . 11.83 15.15 8.56
N1N NAD E . 11.01 15.68 7.37
C2N NAD E . 11.37 16.84 6.77
C3N NAD E . 10.70 17.30 5.64
C7N NAD E . 10.99 18.65 5.05
O7N NAD E . 10.57 18.93 3.93
N7N NAD E . 11.79 19.47 5.75
C4N NAD E . 9.65 16.53 5.14
C5N NAD E . 9.25 15.39 5.81
C6N NAD E . 9.94 14.98 6.94
F 9CV F . 20.65 21.71 -0.67
C21 9CV F . 21.12 20.65 0.03
C20 9CV F . 22.45 20.62 0.40
C19 9CV F . 22.92 19.51 1.07
C22 9CV F . 20.27 19.60 0.28
O1 9CV F . 18.92 19.74 -0.09
C24 9CV F . 18.13 18.70 -0.59
C29 9CV F . 18.63 17.68 -1.39
C28 9CV F . 17.77 16.71 -1.89
C27 9CV F . 16.43 16.74 -1.56
C26 9CV F . 15.92 17.76 -0.77
C25 9CV F . 16.77 18.74 -0.27
C23 9CV F . 20.75 18.50 0.98
C18 9CV F . 22.10 18.42 1.34
C17 9CV F . 22.60 17.25 2.15
N5 9CV F . 21.80 17.02 3.34
C4 9CV F . 21.78 17.88 4.45
C3 9CV F . 22.71 18.91 4.58
C5 9CV F . 20.84 17.64 5.47
N1 9CV F . 20.91 18.38 6.61
C6 9CV F . 21.76 19.42 6.69
C2 9CV F . 22.71 19.69 5.72
C1 9CV F . 23.61 20.89 5.79
O 9CV F . 24.08 21.38 4.77
N 9CV F . 23.84 21.41 7.00
C 9CV F . 24.63 22.61 7.19
N2 9CV F . 19.98 16.60 5.46
C7 9CV F . 18.82 16.41 6.35
C11 9CV F . 17.90 17.63 6.21
C10 9CV F . 16.56 17.40 6.93
N3 9CV F . 15.90 16.18 6.46
C9 9CV F . 16.76 15.02 6.73
C8 9CV F . 18.09 15.14 5.96
C12 9CV F . 14.98 16.15 5.43
N4 9CV F . 14.37 14.97 5.20
C16 9CV F . 13.50 14.89 4.18
C15 9CV F . 13.18 15.96 3.36
C14 9CV F . 13.83 17.16 3.58
C13 9CV F . 14.74 17.28 4.64
PA NAD G . -13.05 -2.25 -24.53
O1A NAD G . -14.09 -1.21 -24.60
O2A NAD G . -12.47 -2.55 -25.91
O5B NAD G . -13.42 -3.65 -23.71
C5B NAD G . -14.42 -3.73 -22.67
C4B NAD G . -15.31 -4.91 -22.97
O4B NAD G . -16.29 -5.12 -21.94
C3B NAD G . -16.07 -4.83 -24.30
O3B NAD G . -15.72 -5.92 -25.13
C2B NAD G . -17.54 -4.91 -23.88
O2B NAD G . -18.35 -5.57 -24.85
C1B NAD G . -17.42 -5.68 -22.57
N9A NAD G . -18.59 -5.65 -21.70
C8A NAD G . -19.30 -4.55 -21.27
N7A NAD G . -20.45 -4.84 -20.70
C5A NAD G . -20.48 -6.23 -20.73
C6A NAD G . -21.46 -7.16 -20.31
N6A NAD G . -22.64 -6.83 -19.79
N1A NAD G . -21.17 -8.48 -20.49
C2A NAD G . -20.01 -8.82 -21.04
N3A NAD G . -19.03 -8.03 -21.48
C4A NAD G . -19.34 -6.73 -21.31
O3 NAD G . -11.88 -1.68 -23.61
PN NAD G . -10.53 -2.20 -22.92
O1N NAD G . -9.94 -3.30 -23.71
O2N NAD G . -9.71 -1.00 -22.63
O5D NAD G . -11.05 -2.78 -21.53
C5D NAD G . -10.82 -4.15 -21.14
C4D NAD G . -10.51 -4.18 -19.66
O4D NAD G . -9.24 -3.53 -19.42
C3D NAD G . -11.54 -3.49 -18.75
O3D NAD G . -11.66 -4.18 -17.51
C2D NAD G . -10.88 -2.13 -18.49
O2D NAD G . -11.37 -1.58 -17.28
C1D NAD G . -9.41 -2.59 -18.40
N1N NAD G . -8.32 -1.51 -18.51
C2N NAD G . -8.35 -0.64 -19.56
C3N NAD G . -7.43 0.39 -19.64
C7N NAD G . -7.38 1.34 -20.82
O7N NAD G . -6.75 2.39 -20.71
N7N NAD G . -8.11 1.06 -21.88
C4N NAD G . -6.47 0.51 -18.65
C5N NAD G . -6.42 -0.41 -17.62
C6N NAD G . -7.37 -1.42 -17.57
PA NAD H . 21.80 -18.48 1.29
O1A NAD H . 21.96 -19.81 0.66
O2A NAD H . 22.41 -18.50 2.70
O5B NAD H . 22.30 -17.29 0.30
C5B NAD H . 22.77 -16.00 0.75
C4B NAD H . 23.97 -15.74 -0.10
O4B NAD H . 24.51 -14.41 0.15
C3B NAD H . 25.14 -16.72 0.08
O3B NAD H . 25.49 -17.33 -1.15
C2B NAD H . 26.27 -15.85 0.64
O2B NAD H . 27.55 -16.25 0.20
C1B NAD H . 25.91 -14.51 0.01
N9A NAD H . 26.57 -13.36 0.62
C8A NAD H . 26.70 -13.09 1.96
N7A NAD H . 27.58 -12.16 2.23
C5A NAD H . 28.03 -11.75 0.98
C6A NAD H . 28.98 -10.79 0.58
N6A NAD H . 29.69 -10.05 1.43
N1A NAD H . 29.17 -10.62 -0.75
C2A NAD H . 28.48 -11.38 -1.61
N3A NAD H . 27.59 -12.34 -1.34
C4A NAD H . 27.40 -12.48 -0.02
O3 NAD H . 20.24 -18.25 1.55
PN NAD H . 19.00 -17.90 0.63
O1N NAD H . 17.79 -18.21 1.43
O2N NAD H . 19.14 -18.45 -0.73
O5D NAD H . 19.12 -16.31 0.46
C5D NAD H . 19.11 -15.72 -0.85
C4D NAD H . 18.30 -14.44 -0.87
O4D NAD H . 16.88 -14.75 -0.81
C3D NAD H . 18.56 -13.45 0.28
O3D NAD H . 18.45 -12.11 -0.21
C2D NAD H . 17.42 -13.79 1.25
O2D NAD H . 17.18 -12.77 2.21
C1D NAD H . 16.30 -14.04 0.24
N1N NAD H . 15.05 -14.78 0.72
C2N NAD H . 15.18 -15.90 1.48
C3N NAD H . 14.07 -16.49 2.06
C7N NAD H . 14.16 -17.80 2.81
O7N NAD H . 13.24 -18.15 3.52
N7N NAD H . 15.32 -18.48 2.76
C4N NAD H . 12.82 -15.92 1.83
C5N NAD H . 12.70 -14.80 1.02
C6N NAD H . 13.83 -14.26 0.46
PA NAD I . -24.44 -1.03 13.96
O1A NAD I . -25.30 -2.23 13.67
O2A NAD I . -24.50 -0.65 15.42
O5B NAD I . -24.61 0.25 13.01
C5B NAD I . -24.94 0.11 11.61
C4B NAD I . -25.91 1.22 11.31
O4B NAD I . -26.20 1.28 9.89
C3B NAD I . -27.26 1.15 12.04
O3B NAD I . -27.53 2.37 12.73
C2B NAD I . -28.26 0.99 10.90
O2B NAD I . -29.51 1.60 11.18
C1B NAD I . -27.53 1.75 9.81
N9A NAD I . -28.07 1.61 8.45
C8A NAD I . -28.31 0.45 7.75
N7A NAD I . -29.01 0.63 6.66
C5A NAD I . -29.22 2.00 6.63
C6A NAD I . -29.87 2.84 5.70
N6A NAD I . -30.48 2.39 4.60
N1A NAD I . -29.85 4.18 5.93
C2A NAD I . -29.25 4.62 7.04
N3A NAD I . -28.63 3.93 8.00
C4A NAD I . -28.64 2.62 7.72
O3 NAD I . -22.94 -1.53 13.72
PN NAD I . -21.53 -0.80 13.92
O1N NAD I . -21.68 0.25 14.94
O2N NAD I . -20.54 -1.89 14.09
O5D NAD I . -21.38 -0.18 12.47
C5D NAD I . -21.05 1.23 12.29
C4D NAD I . -19.97 1.34 11.23
O4D NAD I . -18.71 0.85 11.74
C3D NAD I . -20.25 0.56 9.94
O3D NAD I . -19.86 1.34 8.82
C2D NAD I . -19.35 -0.67 10.10
O2D NAD I . -19.09 -1.29 8.85
C1D NAD I . -18.16 -0.03 10.82
N1N NAD I . -17.16 -0.95 11.53
C2N NAD I . -17.62 -1.90 12.40
C3N NAD I . -16.77 -2.85 12.92
C7N NAD I . -17.24 -3.84 13.97
O7N NAD I . -18.38 -3.66 14.54
N7N NAD I . -16.42 -4.78 14.34
C4N NAD I . -15.41 -2.78 12.60
C5N NAD I . -14.95 -1.77 11.77
C6N NAD I . -15.85 -0.86 11.25
F 9CV J . -24.38 -12.76 12.79
C21 9CV J . -24.73 -12.06 11.69
C20 9CV J . -26.01 -12.17 11.20
C19 9CV J . -26.36 -11.44 10.07
C22 9CV J . -23.77 -11.30 11.05
O1 9CV J . -22.49 -11.22 11.63
C24 9CV J . -21.29 -11.26 10.92
C29 9CV J . -21.17 -11.91 9.69
C28 9CV J . -19.94 -11.94 9.06
C27 9CV J . -18.84 -11.30 9.62
C26 9CV J . -18.97 -10.67 10.85
C25 9CV J . -20.19 -10.65 11.50
C23 9CV J . -24.13 -10.58 9.92
C18 9CV J . -25.42 -10.69 9.38
C17 9CV J . -25.80 -9.87 8.17
N5 9CV J . -25.43 -8.47 8.35
C4 9CV J . -26.11 -7.67 9.25
C3 9CV J . -27.35 -8.05 9.78
C5 9CV J . -25.60 -6.39 9.53
N1 9CV J . -26.35 -5.54 10.31
C6 9CV J . -27.47 -5.96 10.88
C2 9CV J . -28.04 -7.19 10.62
C1 9CV J . -29.29 -7.69 11.30
O 9CV J . -29.44 -8.89 11.49
N 9CV J . -30.13 -6.77 11.78
C 9CV J . -31.26 -7.13 12.62
N2 9CV J . -24.48 -5.89 8.97
C7 9CV J . -23.78 -4.69 9.45
C11 9CV J . -23.18 -5.01 10.82
C10 9CV J . -22.24 -3.90 11.29
N3 9CV J . -21.19 -3.65 10.30
C9 9CV J . -21.80 -3.21 9.05
C8 9CV J . -22.69 -4.31 8.46
C12 9CV J . -19.94 -4.27 10.33
N4 9CV J . -19.09 -3.96 9.33
C16 9CV J . -17.86 -4.49 9.37
C15 9CV J . -17.43 -5.36 10.35
C14 9CV J . -18.30 -5.69 11.36
C13 9CV J . -19.59 -5.16 11.37
#